data_4HSS
#
_entry.id   4HSS
#
_cell.length_a   32.828
_cell.length_b   56.791
_cell.length_c   435.839
_cell.angle_alpha   90.00
_cell.angle_beta   90.00
_cell.angle_gamma   90.00
#
_symmetry.space_group_name_H-M   'P 21 21 21'
#
loop_
_entity.id
_entity.type
_entity.pdbx_description
1 polymer 'Putative fimbrial subunit'
2 non-polymer 'CALCIUM ION'
3 water water
#
_entity_poly.entity_id   1
_entity_poly.type   'polypeptide(L)'
_entity_poly.pdbx_seq_one_letter_code
;GPGAVAIAEEGTQVQQTQRANIDFERKGSLTLHKKKGAESEKRATGKEMDDVAGEPLNGVTFKITKLNFDLQNGDWAKFP
KTAADAKGHETSTTKEVETSGNGTAVFDNLDLGIYLVEETKAPDGIVTGAPFIVSIPMVNEASDAWNYNVVAYPKNTETK
TEKTVKDADQNIQDAYTYTIKADAPTWGKDKKLTAFRFEDELDKRLDFQKVTEVKAGDTVLGTSDYTVNDPATDGNKLVV
TLTDEGLKKVKSGDKMSLTFEVKRKEVGNTTELKNRADVIFNNPNTDKEVKNKTNEVVTYHGKLKVVKKDGKEAGKVLKG
AEFELYQCTSAAVLGKGPLTVDGVKKWTTGDDGTFTIDGLHVTDFEDGKEAAPATKKFCLKETKAPAGYALPDPNVTEIE
FTRAKISEKDKFEGDDEVTLVSEIKNIKQGT
;
_entity_poly.pdbx_strand_id   A,B
#
# COMPACT_ATOMS: atom_id res chain seq x y z
N GLN A 18 -8.77 -14.82 1.59
CA GLN A 18 -7.53 -14.77 0.80
C GLN A 18 -6.67 -13.53 1.21
N ARG A 19 -5.31 -13.64 1.08
CA ARG A 19 -4.37 -12.53 1.37
C ARG A 19 -4.30 -11.51 0.21
N ALA A 20 -4.07 -10.23 0.52
CA ALA A 20 -3.94 -9.16 -0.48
C ALA A 20 -2.49 -8.70 -0.56
N ASN A 21 -1.60 -9.41 0.12
CA ASN A 21 -0.18 -9.08 0.19
C ASN A 21 0.53 -9.22 -1.14
N ILE A 22 1.72 -8.61 -1.23
CA ILE A 22 2.60 -8.80 -2.37
C ILE A 22 3.30 -10.13 -2.09
N ASP A 23 3.44 -10.97 -3.12
CA ASP A 23 4.15 -12.25 -3.02
C ASP A 23 5.53 -12.04 -3.61
N PHE A 24 6.54 -11.87 -2.74
CA PHE A 24 7.90 -11.59 -3.15
C PHE A 24 8.66 -12.83 -3.67
N GLU A 25 8.02 -14.02 -3.65
CA GLU A 25 8.65 -15.21 -4.24
C GLU A 25 8.11 -15.37 -5.68
N ARG A 26 7.34 -14.35 -6.14
CA ARG A 26 6.81 -14.26 -7.49
C ARG A 26 7.70 -13.41 -8.37
N LYS A 27 7.61 -13.67 -9.66
CA LYS A 27 8.33 -12.95 -10.69
C LYS A 27 7.29 -12.27 -11.56
N GLY A 28 7.60 -11.06 -12.01
CA GLY A 28 6.70 -10.29 -12.84
C GLY A 28 7.12 -10.23 -14.29
N SER A 29 6.43 -9.38 -15.05
CA SER A 29 6.67 -9.13 -16.47
C SER A 29 6.21 -7.74 -16.88
N LEU A 30 6.75 -7.26 -18.00
CA LEU A 30 6.42 -6.03 -18.67
C LEU A 30 6.22 -6.31 -20.15
N THR A 31 5.09 -5.86 -20.69
CA THR A 31 4.73 -6.03 -22.08
C THR A 31 4.47 -4.67 -22.68
N LEU A 32 5.31 -4.31 -23.67
CA LEU A 32 5.21 -3.04 -24.37
C LEU A 32 4.51 -3.24 -25.68
N HIS A 33 3.49 -2.43 -25.95
CA HIS A 33 2.76 -2.47 -27.22
C HIS A 33 3.02 -1.17 -27.96
N LYS A 34 4.15 -1.14 -28.67
CA LYS A 34 4.66 0.01 -29.38
C LYS A 34 3.76 0.42 -30.50
N LYS A 35 3.42 1.69 -30.47
CA LYS A 35 2.54 2.27 -31.45
C LYS A 35 3.18 3.48 -32.09
N LYS A 36 2.89 3.62 -33.38
CA LYS A 36 3.24 4.69 -34.28
C LYS A 36 2.00 5.60 -34.31
N GLY A 37 2.14 6.83 -33.81
CA GLY A 37 1.03 7.78 -33.74
C GLY A 37 1.14 8.88 -32.69
N ALA A 38 -0.04 9.36 -32.21
CA ALA A 38 -0.13 10.45 -31.24
C ALA A 38 -0.06 9.94 -29.80
N GLU A 39 0.70 10.68 -28.96
CA GLU A 39 0.97 10.43 -27.54
C GLU A 39 -0.33 10.25 -26.72
N SER A 40 -0.28 9.40 -25.69
CA SER A 40 -1.40 9.11 -24.79
C SER A 40 -1.37 10.06 -23.59
N GLU A 41 -2.21 11.10 -23.63
CA GLU A 41 -2.33 12.07 -22.53
C GLU A 41 -3.32 11.50 -21.48
N LYS A 42 -3.52 10.16 -21.55
CA LYS A 42 -4.36 9.29 -20.74
C LYS A 42 -3.41 8.38 -19.93
N ARG A 43 -3.42 8.53 -18.59
CA ARG A 43 -2.58 7.71 -17.71
C ARG A 43 -3.13 6.28 -17.77
N ALA A 44 -2.27 5.35 -18.22
CA ALA A 44 -2.60 3.94 -18.43
C ALA A 44 -2.78 3.15 -17.13
N THR A 45 -3.75 2.23 -17.19
CA THR A 45 -4.12 1.28 -16.14
C THR A 45 -2.93 0.38 -15.69
N GLY A 46 -2.02 0.07 -16.63
CA GLY A 46 -0.89 -0.84 -16.43
C GLY A 46 -1.32 -2.24 -16.82
N LYS A 47 -2.58 -2.35 -17.29
CA LYS A 47 -3.22 -3.58 -17.72
C LYS A 47 -3.46 -3.49 -19.21
N GLU A 48 -3.94 -4.56 -19.85
CA GLU A 48 -4.24 -4.66 -21.28
C GLU A 48 -5.33 -3.61 -21.63
N MET A 49 -5.24 -2.96 -22.80
CA MET A 49 -6.18 -1.87 -23.07
C MET A 49 -6.82 -1.88 -24.45
N ASP A 50 -6.30 -2.66 -25.42
CA ASP A 50 -6.76 -2.73 -26.82
C ASP A 50 -6.90 -1.30 -27.47
N ASP A 51 -5.92 -0.43 -27.18
CA ASP A 51 -5.86 0.94 -27.69
C ASP A 51 -5.06 0.96 -28.98
N VAL A 52 -5.65 0.39 -30.05
CA VAL A 52 -5.04 0.33 -31.38
C VAL A 52 -5.55 1.59 -32.17
N ALA A 53 -5.19 2.78 -31.62
CA ALA A 53 -5.48 4.07 -32.20
C ALA A 53 -4.51 4.30 -33.37
N GLY A 54 -3.25 3.95 -33.14
CA GLY A 54 -2.19 4.03 -34.14
C GLY A 54 -1.84 2.67 -34.71
N GLU A 55 -0.80 2.63 -35.53
CA GLU A 55 -0.33 1.42 -36.17
C GLU A 55 0.81 0.77 -35.37
N PRO A 56 0.82 -0.60 -35.28
CA PRO A 56 1.90 -1.31 -34.57
C PRO A 56 3.25 -1.02 -35.20
N LEU A 57 4.25 -0.77 -34.34
CA LEU A 57 5.58 -0.43 -34.80
C LEU A 57 6.62 -1.46 -34.34
N ASN A 58 7.12 -2.23 -35.32
CA ASN A 58 8.20 -3.19 -35.11
C ASN A 58 9.54 -2.51 -35.34
N GLY A 59 10.61 -3.06 -34.78
CA GLY A 59 11.97 -2.54 -34.94
C GLY A 59 12.49 -1.62 -33.87
N VAL A 60 11.65 -1.26 -32.88
CA VAL A 60 12.05 -0.39 -31.79
C VAL A 60 12.55 -1.25 -30.65
N THR A 61 13.77 -0.94 -30.14
CA THR A 61 14.40 -1.63 -29.02
C THR A 61 14.17 -0.86 -27.72
N PHE A 62 13.83 -1.60 -26.68
CA PHE A 62 13.64 -1.00 -25.37
C PHE A 62 14.60 -1.58 -24.37
N LYS A 63 15.12 -0.72 -23.49
CA LYS A 63 16.01 -1.11 -22.39
C LYS A 63 15.33 -0.81 -21.08
N ILE A 64 15.17 -1.82 -20.24
CA ILE A 64 14.61 -1.72 -18.88
C ILE A 64 15.76 -1.77 -17.89
N THR A 65 15.67 -0.98 -16.82
CA THR A 65 16.74 -0.91 -15.83
C THR A 65 16.13 -0.98 -14.41
N LYS A 66 16.40 -2.09 -13.67
CA LYS A 66 15.99 -2.26 -12.27
C LYS A 66 16.66 -1.15 -11.44
N LEU A 67 15.90 -0.50 -10.56
CA LEU A 67 16.42 0.61 -9.75
C LEU A 67 16.72 0.13 -8.32
N ASN A 68 17.64 0.81 -7.57
CA ASN A 68 18.08 0.35 -6.21
C ASN A 68 16.95 0.14 -5.13
N PHE A 69 15.75 0.71 -5.34
CA PHE A 69 14.56 0.77 -4.47
C PHE A 69 14.04 -0.60 -4.04
N ASP A 70 13.79 -0.76 -2.72
CA ASP A 70 13.33 -2.00 -2.11
C ASP A 70 11.84 -1.93 -1.83
N LEU A 71 11.08 -2.77 -2.54
CA LEU A 71 9.63 -2.83 -2.40
C LEU A 71 9.23 -3.52 -1.10
N GLN A 72 10.03 -4.47 -0.65
CA GLN A 72 9.76 -5.26 0.54
C GLN A 72 9.97 -4.51 1.85
N ASN A 73 10.99 -3.62 1.94
CA ASN A 73 11.32 -2.95 3.19
C ASN A 73 11.43 -1.42 3.06
N GLY A 74 11.57 -0.89 1.85
CA GLY A 74 11.66 0.55 1.64
C GLY A 74 10.35 1.30 1.78
N ASP A 75 10.43 2.66 1.84
CA ASP A 75 9.28 3.57 1.95
C ASP A 75 8.83 3.93 0.54
N TRP A 76 7.63 3.47 0.17
CA TRP A 76 7.06 3.63 -1.16
C TRP A 76 6.72 5.08 -1.49
N ALA A 77 6.48 5.92 -0.48
CA ALA A 77 6.14 7.34 -0.72
C ALA A 77 7.33 8.10 -1.36
N LYS A 78 8.57 7.58 -1.15
CA LYS A 78 9.83 8.14 -1.66
C LYS A 78 10.24 7.57 -3.06
N PHE A 79 9.45 6.65 -3.62
CA PHE A 79 9.77 6.02 -4.90
C PHE A 79 9.62 6.99 -6.08
N PRO A 80 10.46 6.82 -7.13
CA PRO A 80 10.40 7.72 -8.28
C PRO A 80 9.11 7.59 -9.08
N LYS A 81 8.55 8.73 -9.51
CA LYS A 81 7.33 8.68 -10.29
C LYS A 81 7.61 9.08 -11.75
N THR A 82 8.70 9.83 -12.00
CA THR A 82 9.08 10.25 -13.34
C THR A 82 10.51 9.78 -13.67
N ALA A 83 10.86 9.73 -14.97
CA ALA A 83 12.19 9.36 -15.46
C ALA A 83 13.31 10.21 -14.79
N ALA A 84 13.03 11.50 -14.50
CA ALA A 84 13.95 12.45 -13.88
C ALA A 84 14.30 12.05 -12.44
N ASP A 85 13.31 11.54 -11.66
CA ASP A 85 13.49 11.11 -10.27
C ASP A 85 14.32 9.81 -10.18
N ALA A 86 14.37 9.04 -11.28
CA ALA A 86 15.12 7.77 -11.33
C ALA A 86 16.62 7.98 -11.45
N LYS A 87 17.05 9.16 -11.97
CA LYS A 87 18.46 9.50 -12.21
C LYS A 87 19.28 9.37 -10.94
N GLY A 88 20.33 8.56 -11.02
CA GLY A 88 21.24 8.29 -9.90
C GLY A 88 20.87 7.06 -9.09
N HIS A 89 19.83 6.31 -9.52
CA HIS A 89 19.38 5.12 -8.79
C HIS A 89 19.36 3.86 -9.68
N GLU A 90 20.22 3.83 -10.71
CA GLU A 90 20.35 2.74 -11.68
C GLU A 90 21.22 1.60 -11.15
N THR A 91 20.91 0.37 -11.57
CA THR A 91 21.63 -0.85 -11.22
C THR A 91 22.16 -1.55 -12.49
N SER A 92 23.03 -2.56 -12.31
CA SER A 92 23.66 -3.36 -13.36
C SER A 92 22.65 -4.32 -14.04
N THR A 93 21.50 -4.57 -13.39
CA THR A 93 20.46 -5.46 -13.91
C THR A 93 19.68 -4.71 -15.01
N THR A 94 19.89 -5.13 -16.28
CA THR A 94 19.26 -4.53 -17.47
C THR A 94 18.85 -5.61 -18.45
N LYS A 95 17.93 -5.29 -19.37
CA LYS A 95 17.42 -6.20 -20.38
C LYS A 95 16.96 -5.40 -21.58
N GLU A 96 17.35 -5.82 -22.82
CA GLU A 96 17.00 -5.16 -24.10
C GLU A 96 16.18 -6.09 -24.96
N VAL A 97 15.03 -5.59 -25.47
CA VAL A 97 14.10 -6.36 -26.31
C VAL A 97 13.61 -5.47 -27.46
N GLU A 98 13.59 -5.99 -28.70
CA GLU A 98 13.09 -5.29 -29.87
C GLU A 98 11.68 -5.77 -30.16
N THR A 99 10.77 -4.85 -30.60
CA THR A 99 9.38 -5.15 -30.92
C THR A 99 9.36 -6.09 -32.17
N SER A 100 8.50 -7.16 -32.17
CA SER A 100 8.52 -8.20 -33.19
C SER A 100 7.24 -8.47 -33.99
N GLY A 101 6.15 -8.85 -33.33
CA GLY A 101 4.96 -9.24 -34.07
C GLY A 101 4.02 -8.10 -34.39
N ASN A 102 3.21 -7.76 -33.38
CA ASN A 102 2.24 -6.66 -33.40
C ASN A 102 2.88 -5.45 -32.74
N GLY A 103 4.20 -5.30 -32.90
CA GLY A 103 4.98 -4.24 -32.29
C GLY A 103 5.02 -4.45 -30.80
N THR A 104 5.36 -5.68 -30.40
CA THR A 104 5.34 -6.10 -29.01
C THR A 104 6.72 -6.55 -28.53
N ALA A 105 7.09 -6.06 -27.34
CA ALA A 105 8.32 -6.38 -26.63
C ALA A 105 7.94 -6.84 -25.23
N VAL A 106 8.26 -8.11 -24.91
CA VAL A 106 7.95 -8.75 -23.64
C VAL A 106 9.21 -8.95 -22.81
N PHE A 107 9.16 -8.46 -21.57
CA PHE A 107 10.22 -8.58 -20.57
C PHE A 107 9.73 -9.54 -19.49
N ASP A 108 10.20 -10.80 -19.53
CA ASP A 108 9.79 -11.90 -18.63
C ASP A 108 10.74 -12.14 -17.45
N ASN A 109 10.27 -12.95 -16.46
CA ASN A 109 10.97 -13.40 -15.26
C ASN A 109 11.73 -12.26 -14.60
N LEU A 110 10.99 -11.17 -14.38
CA LEU A 110 11.45 -9.92 -13.83
C LEU A 110 11.39 -9.92 -12.34
N ASP A 111 12.50 -9.63 -11.66
CA ASP A 111 12.54 -9.47 -10.21
C ASP A 111 11.54 -8.38 -9.86
N LEU A 112 10.83 -8.52 -8.75
CA LEU A 112 9.90 -7.45 -8.38
C LEU A 112 10.69 -6.19 -8.03
N GLY A 113 10.21 -5.04 -8.49
CA GLY A 113 10.86 -3.75 -8.23
C GLY A 113 10.43 -2.60 -9.11
N ILE A 114 11.20 -1.52 -9.08
CA ILE A 114 10.96 -0.33 -9.89
C ILE A 114 11.94 -0.35 -11.05
N TYR A 115 11.43 -0.09 -12.24
CA TYR A 115 12.17 -0.10 -13.48
C TYR A 115 11.98 1.16 -14.25
N LEU A 116 13.08 1.59 -14.88
CA LEU A 116 13.14 2.68 -15.84
C LEU A 116 13.09 2.05 -17.22
N VAL A 117 12.19 2.55 -18.08
CA VAL A 117 12.01 2.05 -19.43
C VAL A 117 12.46 3.13 -20.44
N GLU A 118 13.51 2.83 -21.23
CA GLU A 118 14.09 3.72 -22.25
C GLU A 118 14.13 3.08 -23.65
N GLU A 119 13.90 3.90 -24.70
CA GLU A 119 14.05 3.45 -26.10
C GLU A 119 15.52 3.61 -26.45
N THR A 120 16.18 2.52 -26.91
CA THR A 120 17.61 2.59 -27.27
C THR A 120 17.83 2.76 -28.80
N LYS A 121 17.02 2.09 -29.64
CA LYS A 121 17.10 2.10 -31.10
C LYS A 121 15.69 2.11 -31.70
N ALA A 122 15.54 2.77 -32.85
CA ALA A 122 14.28 2.86 -33.59
C ALA A 122 14.55 2.96 -35.10
N PRO A 123 13.61 2.54 -36.00
CA PRO A 123 13.86 2.69 -37.44
C PRO A 123 13.93 4.16 -37.89
N ASP A 124 14.35 4.37 -39.16
CA ASP A 124 14.49 5.68 -39.81
C ASP A 124 13.19 6.48 -39.75
N GLY A 125 13.31 7.77 -39.42
CA GLY A 125 12.19 8.70 -39.33
C GLY A 125 11.38 8.68 -38.05
N ILE A 126 11.68 7.73 -37.14
CA ILE A 126 10.98 7.62 -35.86
C ILE A 126 11.54 8.61 -34.84
N VAL A 127 10.63 9.45 -34.32
CA VAL A 127 10.80 10.40 -33.20
C VAL A 127 10.24 9.66 -31.97
N THR A 128 11.14 9.18 -31.12
CA THR A 128 10.80 8.39 -29.94
C THR A 128 10.16 9.22 -28.85
N GLY A 129 9.35 8.55 -28.02
CA GLY A 129 8.71 9.11 -26.84
C GLY A 129 9.70 9.18 -25.69
N ALA A 130 9.31 9.86 -24.60
CA ALA A 130 10.15 10.08 -23.42
C ALA A 130 10.26 8.82 -22.56
N PRO A 131 11.37 8.65 -21.81
CA PRO A 131 11.50 7.47 -20.92
C PRO A 131 10.46 7.51 -19.78
N PHE A 132 10.10 6.33 -19.26
CA PHE A 132 9.09 6.23 -18.22
C PHE A 132 9.50 5.23 -17.15
N ILE A 133 8.79 5.26 -16.01
CA ILE A 133 9.01 4.44 -14.82
C ILE A 133 7.84 3.46 -14.66
N VAL A 134 8.14 2.19 -14.32
CA VAL A 134 7.11 1.18 -14.04
C VAL A 134 7.47 0.43 -12.75
N SER A 135 6.45 0.05 -12.00
CA SER A 135 6.54 -0.69 -10.76
C SER A 135 6.01 -2.10 -11.02
N ILE A 136 6.76 -3.13 -10.54
CA ILE A 136 6.40 -4.56 -10.68
C ILE A 136 6.42 -5.15 -9.30
N PRO A 137 5.26 -5.43 -8.67
CA PRO A 137 3.87 -5.25 -9.16
C PRO A 137 3.35 -3.81 -9.02
N MET A 138 2.12 -3.57 -9.48
CA MET A 138 1.47 -2.26 -9.40
C MET A 138 -0.01 -2.44 -9.28
N VAL A 139 -0.73 -1.33 -9.07
CA VAL A 139 -2.19 -1.27 -9.07
C VAL A 139 -2.61 0.00 -9.80
N ASN A 140 -3.73 -0.08 -10.54
CA ASN A 140 -4.27 1.09 -11.21
C ASN A 140 -5.09 1.88 -10.17
N GLU A 141 -5.95 1.16 -9.43
CA GLU A 141 -6.86 1.58 -8.36
C GLU A 141 -6.51 0.87 -7.05
N ALA A 142 -6.83 1.49 -5.90
CA ALA A 142 -6.59 0.85 -4.59
C ALA A 142 -7.37 -0.46 -4.44
N SER A 143 -8.56 -0.55 -5.10
CA SER A 143 -9.45 -1.74 -5.08
C SER A 143 -8.92 -2.92 -5.94
N ASP A 144 -7.92 -2.68 -6.79
CA ASP A 144 -7.39 -3.74 -7.63
C ASP A 144 -6.51 -4.67 -6.86
N ALA A 145 -6.37 -5.90 -7.38
CA ALA A 145 -5.41 -6.88 -6.88
C ALA A 145 -4.06 -6.46 -7.42
N TRP A 146 -2.94 -6.82 -6.75
CA TRP A 146 -1.60 -6.48 -7.25
C TRP A 146 -1.40 -7.07 -8.63
N ASN A 147 -0.89 -6.29 -9.57
CA ASN A 147 -0.66 -6.72 -10.96
C ASN A 147 0.84 -6.88 -11.21
N TYR A 148 1.24 -8.12 -11.46
CA TYR A 148 2.62 -8.51 -11.68
C TYR A 148 2.98 -8.51 -13.16
N ASN A 149 1.97 -8.45 -14.05
CA ASN A 149 2.15 -8.50 -15.51
C ASN A 149 1.66 -7.17 -16.11
N VAL A 150 2.57 -6.19 -16.06
CA VAL A 150 2.36 -4.81 -16.47
C VAL A 150 2.37 -4.72 -17.99
N VAL A 151 1.41 -3.95 -18.51
CA VAL A 151 1.23 -3.69 -19.92
C VAL A 151 1.31 -2.17 -20.12
N ALA A 152 2.16 -1.71 -21.06
CA ALA A 152 2.33 -0.28 -21.39
C ALA A 152 2.28 -0.07 -22.89
N TYR A 153 1.83 1.12 -23.30
CA TYR A 153 1.67 1.46 -24.71
C TYR A 153 2.52 2.69 -25.05
N PRO A 154 3.85 2.50 -25.26
CA PRO A 154 4.71 3.66 -25.61
C PRO A 154 4.37 4.20 -26.99
N LYS A 155 4.58 5.52 -27.20
CA LYS A 155 4.22 6.15 -28.47
C LYS A 155 5.44 6.72 -29.21
N ASN A 156 5.30 6.82 -30.54
CA ASN A 156 6.31 7.31 -31.49
C ASN A 156 5.64 8.02 -32.64
N THR A 157 6.40 8.79 -33.38
CA THR A 157 5.87 9.52 -34.53
C THR A 157 6.83 9.32 -35.68
N GLU A 158 6.27 8.96 -36.84
CA GLU A 158 6.99 8.79 -38.10
C GLU A 158 7.04 10.15 -38.79
N THR A 159 8.24 10.62 -39.06
CA THR A 159 8.44 11.89 -39.77
C THR A 159 9.24 11.60 -41.02
N LYS A 160 8.60 11.80 -42.20
CA LYS A 160 9.22 11.62 -43.52
C LYS A 160 9.74 12.97 -44.07
N THR A 161 10.83 12.94 -44.85
CA THR A 161 11.43 14.14 -45.48
C THR A 161 11.63 13.84 -46.97
N GLU A 162 11.12 14.73 -47.86
CA GLU A 162 11.17 14.52 -49.33
C GLU A 162 11.65 15.82 -50.07
N LYS A 163 12.34 15.64 -51.19
CA LYS A 163 12.83 16.74 -52.02
C LYS A 163 12.40 16.52 -53.45
N THR A 164 11.84 17.56 -54.09
CA THR A 164 11.45 17.51 -55.51
C THR A 164 12.11 18.69 -56.29
N VAL A 165 12.11 18.59 -57.62
CA VAL A 165 12.67 19.61 -58.52
C VAL A 165 11.71 19.79 -59.64
N LYS A 166 11.46 21.07 -59.96
CA LYS A 166 10.63 21.57 -61.06
C LYS A 166 11.61 22.31 -61.97
N ASP A 167 12.10 21.61 -62.99
CA ASP A 167 13.12 22.21 -63.85
C ASP A 167 12.85 22.04 -65.33
N ALA A 168 11.68 21.51 -65.71
CA ALA A 168 11.32 21.32 -67.13
C ALA A 168 11.50 22.63 -67.95
N ASP A 169 12.14 22.54 -69.16
CA ASP A 169 12.41 23.62 -70.15
C ASP A 169 13.27 24.79 -69.60
N GLN A 170 13.79 24.67 -68.37
CA GLN A 170 14.64 25.71 -67.78
C GLN A 170 16.12 25.41 -68.08
N ASN A 171 16.74 26.24 -68.92
CA ASN A 171 18.12 26.08 -69.38
C ASN A 171 19.09 26.84 -68.46
N ILE A 172 20.38 26.93 -68.82
CA ILE A 172 21.36 27.62 -67.98
C ILE A 172 20.96 29.10 -67.80
N GLN A 173 20.98 29.56 -66.54
CA GLN A 173 20.65 30.90 -66.09
C GLN A 173 19.13 31.16 -66.03
N ASP A 174 18.32 30.10 -66.22
CA ASP A 174 16.87 30.15 -66.06
C ASP A 174 16.58 29.69 -64.67
N ALA A 175 15.66 30.35 -63.99
CA ALA A 175 15.35 30.03 -62.60
C ALA A 175 14.49 28.80 -62.49
N TYR A 176 14.86 27.91 -61.58
CA TYR A 176 14.08 26.71 -61.36
C TYR A 176 13.95 26.55 -59.88
N THR A 177 13.05 25.69 -59.42
CA THR A 177 12.79 25.55 -57.98
C THR A 177 13.07 24.18 -57.42
N TYR A 178 13.42 24.17 -56.12
CA TYR A 178 13.60 23.00 -55.29
C TYR A 178 12.54 23.07 -54.22
N THR A 179 11.92 21.94 -53.89
CA THR A 179 10.90 21.94 -52.84
C THR A 179 11.19 20.84 -51.84
N ILE A 180 11.29 21.24 -50.56
CA ILE A 180 11.58 20.35 -49.43
C ILE A 180 10.36 20.26 -48.56
N LYS A 181 9.83 19.04 -48.44
CA LYS A 181 8.67 18.66 -47.63
C LYS A 181 9.10 17.85 -46.44
N ALA A 182 8.57 18.14 -45.25
CA ALA A 182 8.94 17.40 -44.06
C ALA A 182 7.84 17.40 -43.01
N ASP A 183 7.65 16.25 -42.37
CA ASP A 183 6.68 16.12 -41.28
C ASP A 183 7.28 16.69 -40.02
N ALA A 184 6.57 17.62 -39.37
CA ALA A 184 7.01 18.16 -38.09
C ALA A 184 6.74 17.07 -37.00
N PRO A 185 7.47 17.05 -35.85
CA PRO A 185 7.13 16.04 -34.82
C PRO A 185 5.79 16.36 -34.12
N THR A 186 5.32 15.44 -33.27
CA THR A 186 4.09 15.71 -32.50
C THR A 186 4.51 16.14 -31.11
N TRP A 187 3.72 17.01 -30.47
CA TRP A 187 4.04 17.44 -29.11
C TRP A 187 2.83 17.46 -28.21
N GLY A 188 3.08 16.90 -27.01
CA GLY A 188 2.14 16.80 -25.90
C GLY A 188 1.74 18.14 -25.37
N LYS A 189 1.19 18.18 -24.17
CA LYS A 189 0.73 19.46 -23.70
C LYS A 189 1.67 20.04 -22.62
N ASP A 190 2.69 19.26 -22.19
CA ASP A 190 3.81 19.71 -21.35
C ASP A 190 4.98 20.11 -22.31
N LYS A 191 5.08 19.35 -23.42
CA LYS A 191 6.07 19.36 -24.49
C LYS A 191 5.76 20.37 -25.60
N LYS A 192 6.80 20.76 -26.37
CA LYS A 192 6.69 21.76 -27.46
C LYS A 192 7.83 21.62 -28.51
N LEU A 193 7.62 22.30 -29.68
CA LEU A 193 8.59 22.46 -30.76
C LEU A 193 9.32 23.79 -30.50
N THR A 194 10.60 23.68 -30.15
CA THR A 194 11.45 24.77 -29.76
C THR A 194 12.44 25.22 -30.89
N ALA A 195 12.69 24.33 -31.88
CA ALA A 195 13.57 24.64 -33.02
C ALA A 195 13.12 23.86 -34.25
N PHE A 196 13.30 24.47 -35.43
CA PHE A 196 12.97 23.88 -36.72
C PHE A 196 13.64 24.67 -37.88
N ARG A 197 14.55 23.96 -38.60
CA ARG A 197 15.28 24.50 -39.72
C ARG A 197 15.42 23.48 -40.89
N PHE A 198 15.62 24.05 -42.10
CA PHE A 198 15.85 23.40 -43.37
C PHE A 198 17.24 23.71 -43.77
N GLU A 199 18.05 22.69 -44.10
CA GLU A 199 19.41 22.92 -44.58
C GLU A 199 19.60 22.26 -45.93
N ASP A 200 20.27 22.96 -46.85
CA ASP A 200 20.55 22.45 -48.17
C ASP A 200 21.90 22.95 -48.65
N GLU A 201 22.86 22.03 -48.79
CA GLU A 201 24.18 22.33 -49.32
C GLU A 201 24.07 22.37 -50.87
N LEU A 202 24.00 23.59 -51.48
CA LEU A 202 23.82 23.76 -52.92
C LEU A 202 25.13 23.58 -53.67
N ASP A 203 25.04 22.94 -54.83
CA ASP A 203 26.16 22.69 -55.73
C ASP A 203 26.81 24.03 -56.10
N LYS A 204 28.15 24.09 -56.19
CA LYS A 204 28.90 25.32 -56.54
C LYS A 204 28.47 25.97 -57.86
N ARG A 205 27.83 25.21 -58.76
CA ARG A 205 27.33 25.71 -60.05
C ARG A 205 25.96 26.41 -59.90
N LEU A 206 25.42 26.44 -58.70
CA LEU A 206 24.13 27.06 -58.42
C LEU A 206 24.25 28.38 -57.69
N ASP A 207 23.38 29.32 -58.08
CA ASP A 207 23.25 30.61 -57.48
C ASP A 207 21.85 30.69 -56.86
N PHE A 208 21.79 30.79 -55.54
CA PHE A 208 20.52 30.96 -54.78
C PHE A 208 19.84 32.23 -55.23
N GLN A 209 18.54 32.18 -55.48
CA GLN A 209 17.83 33.36 -55.92
C GLN A 209 17.06 33.92 -54.76
N LYS A 210 15.98 33.24 -54.38
CA LYS A 210 15.16 33.66 -53.25
C LYS A 210 14.39 32.48 -52.71
N VAL A 211 13.88 32.61 -51.47
CA VAL A 211 12.98 31.63 -50.89
C VAL A 211 11.60 32.06 -51.38
N THR A 212 10.89 31.19 -52.07
CA THR A 212 9.61 31.65 -52.62
C THR A 212 8.45 31.37 -51.68
N GLU A 213 8.47 30.27 -50.93
CA GLU A 213 7.37 29.90 -50.02
C GLU A 213 7.83 29.02 -48.86
N VAL A 214 7.36 29.35 -47.64
CA VAL A 214 7.54 28.57 -46.42
C VAL A 214 6.14 28.29 -45.85
N LYS A 215 5.75 27.02 -45.84
CA LYS A 215 4.42 26.60 -45.37
C LYS A 215 4.50 25.68 -44.11
N ALA A 216 3.62 25.94 -43.14
CA ALA A 216 3.41 25.08 -41.96
C ALA A 216 1.99 24.55 -42.07
N GLY A 217 1.84 23.33 -42.54
CA GLY A 217 0.51 22.77 -42.79
C GLY A 217 -0.10 23.50 -43.97
N ASP A 218 -1.21 24.22 -43.75
CA ASP A 218 -1.86 25.00 -44.83
C ASP A 218 -1.67 26.51 -44.61
N THR A 219 -0.82 26.86 -43.65
CA THR A 219 -0.53 28.24 -43.27
C THR A 219 0.76 28.74 -43.97
N VAL A 220 0.60 29.65 -44.93
CA VAL A 220 1.72 30.26 -45.63
C VAL A 220 2.27 31.34 -44.70
N LEU A 221 3.53 31.17 -44.30
CA LEU A 221 4.24 32.06 -43.39
C LEU A 221 4.77 33.28 -44.10
N GLY A 222 4.91 34.38 -43.35
CA GLY A 222 5.46 35.65 -43.84
C GLY A 222 6.94 35.69 -43.58
N THR A 223 7.65 36.70 -44.10
CA THR A 223 9.12 36.82 -43.99
C THR A 223 9.60 37.10 -42.56
N SER A 224 8.68 37.35 -41.64
CA SER A 224 8.98 37.60 -40.22
C SER A 224 9.02 36.28 -39.43
N ASP A 225 8.44 35.19 -40.01
CA ASP A 225 8.31 33.84 -39.42
C ASP A 225 9.55 32.96 -39.65
N TYR A 226 10.49 33.44 -40.47
CA TYR A 226 11.71 32.71 -40.75
C TYR A 226 12.88 33.61 -41.16
N THR A 227 14.10 33.05 -41.04
CA THR A 227 15.32 33.70 -41.45
C THR A 227 16.01 32.92 -42.55
N VAL A 228 16.66 33.66 -43.47
CA VAL A 228 17.43 33.14 -44.56
C VAL A 228 18.85 33.66 -44.41
N ASN A 229 19.82 32.75 -44.41
CA ASN A 229 21.25 33.00 -44.39
C ASN A 229 21.64 33.47 -45.80
N ASP A 230 22.92 33.74 -46.07
CA ASP A 230 23.33 34.15 -47.43
C ASP A 230 24.27 33.05 -47.97
N PRO A 231 23.75 32.09 -48.78
CA PRO A 231 24.59 30.98 -49.26
C PRO A 231 25.91 31.40 -49.91
N ALA A 232 25.96 32.55 -50.63
CA ALA A 232 27.19 32.99 -51.32
C ALA A 232 28.37 33.19 -50.35
N THR A 233 28.10 33.78 -49.17
CA THR A 233 29.14 34.03 -48.18
C THR A 233 29.12 32.91 -47.11
N ASP A 234 28.28 31.88 -47.31
CA ASP A 234 28.15 30.75 -46.39
C ASP A 234 28.47 29.40 -47.07
N GLY A 235 29.49 29.38 -47.94
CA GLY A 235 29.98 28.19 -48.65
C GLY A 235 28.95 27.45 -49.49
N ASN A 236 28.04 28.21 -50.12
CA ASN A 236 26.89 27.80 -50.94
C ASN A 236 25.89 26.89 -50.16
N LYS A 237 25.82 27.07 -48.84
CA LYS A 237 24.88 26.30 -48.01
C LYS A 237 23.70 27.17 -47.64
N LEU A 238 22.48 26.67 -47.88
CA LEU A 238 21.26 27.38 -47.53
C LEU A 238 20.73 26.89 -46.18
N VAL A 239 20.39 27.85 -45.32
CA VAL A 239 19.80 27.64 -44.01
C VAL A 239 18.54 28.53 -43.92
N VAL A 240 17.39 27.90 -43.71
CA VAL A 240 16.11 28.57 -43.53
C VAL A 240 15.58 28.15 -42.12
N THR A 241 15.72 29.02 -41.12
CA THR A 241 15.34 28.77 -39.71
C THR A 241 14.02 29.45 -39.33
N LEU A 242 13.18 28.79 -38.51
CA LEU A 242 11.95 29.46 -38.08
C LEU A 242 12.23 30.29 -36.83
N THR A 243 11.74 31.56 -36.81
CA THR A 243 11.87 32.45 -35.64
C THR A 243 10.81 32.00 -34.59
N ASP A 244 10.80 32.67 -33.40
CA ASP A 244 9.83 32.43 -32.31
C ASP A 244 8.40 32.63 -32.81
N GLU A 245 8.18 33.69 -33.66
CA GLU A 245 6.88 34.01 -34.28
C GLU A 245 6.48 32.88 -35.19
N GLY A 246 7.44 32.43 -36.01
CA GLY A 246 7.25 31.32 -36.94
C GLY A 246 6.76 30.06 -36.26
N LEU A 247 7.49 29.63 -35.20
CA LEU A 247 7.18 28.42 -34.44
C LEU A 247 5.75 28.43 -33.88
N LYS A 248 5.29 29.59 -33.34
CA LYS A 248 3.92 29.79 -32.82
C LYS A 248 2.87 29.31 -33.82
N LYS A 249 3.09 29.53 -35.12
CA LYS A 249 2.17 29.13 -36.20
C LYS A 249 2.22 27.61 -36.49
N VAL A 250 3.23 26.88 -35.98
CA VAL A 250 3.37 25.44 -36.24
C VAL A 250 2.51 24.64 -35.26
N LYS A 251 1.66 23.78 -35.83
CA LYS A 251 0.77 22.86 -35.09
C LYS A 251 1.37 21.45 -35.09
N SER A 252 1.04 20.65 -34.07
CA SER A 252 1.57 19.32 -33.86
C SER A 252 1.41 18.45 -35.10
N GLY A 253 2.52 17.84 -35.52
CA GLY A 253 2.57 16.93 -36.66
C GLY A 253 2.28 17.54 -38.00
N ASP A 254 2.37 18.89 -38.11
CA ASP A 254 2.12 19.62 -39.38
C ASP A 254 3.11 19.23 -40.48
N LYS A 255 2.68 19.28 -41.75
CA LYS A 255 3.56 19.03 -42.88
C LYS A 255 4.18 20.36 -43.22
N MET A 256 5.50 20.49 -42.95
CA MET A 256 6.32 21.66 -43.25
C MET A 256 6.74 21.66 -44.73
N SER A 257 6.89 22.84 -45.33
CA SER A 257 7.27 22.97 -46.74
C SER A 257 8.15 24.19 -46.97
N LEU A 258 9.15 24.03 -47.83
CA LEU A 258 10.03 25.10 -48.27
C LEU A 258 10.24 24.97 -49.76
N THR A 259 9.90 26.04 -50.50
CA THR A 259 10.16 26.15 -51.94
C THR A 259 11.11 27.32 -52.12
N PHE A 260 12.27 27.08 -52.73
CA PHE A 260 13.24 28.12 -53.02
C PHE A 260 13.71 28.05 -54.49
N GLU A 261 14.18 29.17 -55.01
CA GLU A 261 14.59 29.35 -56.39
C GLU A 261 16.13 29.39 -56.55
N VAL A 262 16.59 28.81 -57.67
CA VAL A 262 18.00 28.73 -58.07
C VAL A 262 18.15 28.92 -59.58
N LYS A 263 19.38 29.17 -60.01
CA LYS A 263 19.82 29.29 -61.39
C LYS A 263 21.12 28.51 -61.49
N ARG A 264 21.22 27.62 -62.49
CA ARG A 264 22.44 26.87 -62.77
C ARG A 264 23.28 27.78 -63.69
N LYS A 265 24.42 28.28 -63.16
CA LYS A 265 25.35 29.21 -63.79
C LYS A 265 25.98 28.69 -65.05
N GLU A 266 26.23 27.37 -65.09
CA GLU A 266 26.93 26.68 -66.18
C GLU A 266 26.73 25.16 -66.12
N VAL A 267 27.10 24.46 -67.20
CA VAL A 267 27.04 23.01 -67.25
C VAL A 267 28.12 22.43 -66.32
N GLY A 268 29.34 22.94 -66.42
CA GLY A 268 30.42 22.46 -65.58
C GLY A 268 31.03 21.15 -66.05
N ASN A 269 31.62 20.39 -65.11
CA ASN A 269 32.38 19.14 -65.35
C ASN A 269 31.51 17.92 -65.68
N THR A 270 30.23 17.92 -65.26
CA THR A 270 29.26 16.83 -65.48
C THR A 270 27.93 17.41 -65.95
N THR A 271 27.17 16.64 -66.75
CA THR A 271 25.83 17.05 -67.19
C THR A 271 24.89 17.14 -66.03
N GLU A 272 25.06 16.24 -65.06
CA GLU A 272 24.22 16.08 -63.89
C GLU A 272 24.64 16.98 -62.74
N LEU A 273 23.62 17.52 -62.08
CA LEU A 273 23.72 18.34 -60.90
C LEU A 273 22.72 17.73 -59.86
N LYS A 274 23.23 17.28 -58.70
CA LYS A 274 22.42 16.65 -57.64
C LYS A 274 22.05 17.62 -56.49
N ASN A 275 20.94 17.34 -55.80
CA ASN A 275 20.54 18.10 -54.61
C ASN A 275 19.91 17.22 -53.60
N ARG A 276 20.29 17.42 -52.36
CA ARG A 276 19.71 16.74 -51.23
C ARG A 276 19.67 17.73 -50.10
N ALA A 277 18.71 17.59 -49.21
CA ALA A 277 18.55 18.53 -48.11
C ALA A 277 18.38 17.82 -46.75
N ASP A 278 18.38 18.61 -45.65
CA ASP A 278 18.19 18.17 -44.28
C ASP A 278 17.09 18.99 -43.57
N VAL A 279 16.43 18.39 -42.56
CA VAL A 279 15.54 19.11 -41.66
C VAL A 279 16.04 18.81 -40.28
N ILE A 280 16.17 19.87 -39.44
CA ILE A 280 16.63 19.76 -38.06
C ILE A 280 15.58 20.40 -37.15
N PHE A 281 15.11 19.62 -36.17
CA PHE A 281 14.18 20.05 -35.16
C PHE A 281 14.49 19.31 -33.89
N ASN A 282 13.93 19.79 -32.75
CA ASN A 282 14.02 19.15 -31.44
C ASN A 282 13.02 18.02 -31.32
N ASN A 283 13.39 16.98 -30.58
CA ASN A 283 12.42 15.95 -30.26
C ASN A 283 11.64 16.54 -29.09
N PRO A 284 10.33 16.87 -29.25
CA PRO A 284 9.59 17.55 -28.16
C PRO A 284 9.64 16.84 -26.81
N ASN A 285 9.78 15.51 -26.82
CA ASN A 285 9.78 14.67 -25.64
C ASN A 285 11.15 14.54 -24.97
N THR A 286 12.23 14.35 -25.74
CA THR A 286 13.56 14.14 -25.17
C THR A 286 14.43 15.40 -25.28
N ASP A 287 13.97 16.42 -26.03
CA ASP A 287 14.62 17.72 -26.27
C ASP A 287 15.92 17.59 -27.11
N LYS A 288 16.38 16.33 -27.40
CA LYS A 288 17.55 16.03 -28.24
C LYS A 288 17.25 16.34 -29.75
N GLU A 289 18.25 16.90 -30.48
CA GLU A 289 18.16 17.27 -31.90
C GLU A 289 17.89 16.06 -32.82
N VAL A 290 16.98 16.23 -33.79
CA VAL A 290 16.64 15.25 -34.80
C VAL A 290 17.03 15.79 -36.19
N LYS A 291 17.95 15.08 -36.87
CA LYS A 291 18.32 15.39 -38.24
C LYS A 291 17.60 14.41 -39.15
N ASN A 292 16.96 14.92 -40.18
CA ASN A 292 16.28 14.08 -41.15
C ASN A 292 16.80 14.47 -42.51
N LYS A 293 17.19 13.47 -43.31
CA LYS A 293 17.80 13.70 -44.64
C LYS A 293 16.83 13.29 -45.74
N THR A 294 16.72 14.11 -46.80
CA THR A 294 15.82 13.84 -47.95
C THR A 294 16.48 12.86 -48.92
N ASN A 295 15.76 12.48 -49.94
CA ASN A 295 16.26 11.78 -51.10
C ASN A 295 17.15 12.78 -51.90
N GLU A 296 17.89 12.29 -52.90
CA GLU A 296 18.69 13.08 -53.84
C GLU A 296 17.91 13.27 -55.13
N VAL A 297 17.87 14.48 -55.65
CA VAL A 297 17.22 14.75 -56.95
C VAL A 297 18.31 15.22 -57.91
N VAL A 298 18.12 15.03 -59.22
CA VAL A 298 19.10 15.39 -60.26
C VAL A 298 18.45 16.23 -61.40
N THR A 299 19.19 17.27 -61.85
CA THR A 299 18.89 18.16 -62.99
C THR A 299 20.03 17.97 -63.97
N TYR A 300 19.73 17.85 -65.28
CA TYR A 300 20.72 17.60 -66.32
C TYR A 300 20.74 18.68 -67.42
N HIS A 301 21.92 19.23 -67.64
CA HIS A 301 22.22 20.21 -68.68
C HIS A 301 23.49 19.80 -69.39
N GLY A 302 23.60 20.16 -70.65
CA GLY A 302 24.77 19.93 -71.48
C GLY A 302 25.03 21.10 -72.40
N LYS A 303 26.15 21.06 -73.12
CA LYS A 303 26.52 22.14 -74.02
C LYS A 303 26.24 21.75 -75.46
N LEU A 304 25.89 22.75 -76.27
CA LEU A 304 25.62 22.52 -77.68
C LEU A 304 26.65 23.24 -78.50
N LYS A 305 27.51 22.51 -79.21
CA LYS A 305 28.55 23.11 -80.07
C LYS A 305 28.13 22.94 -81.51
N VAL A 306 28.18 24.02 -82.26
CA VAL A 306 27.83 24.04 -83.67
C VAL A 306 29.08 24.37 -84.42
N VAL A 307 29.37 23.62 -85.47
CA VAL A 307 30.54 23.83 -86.33
C VAL A 307 29.99 24.03 -87.76
N LYS A 308 30.30 25.20 -88.33
CA LYS A 308 29.84 25.55 -89.67
C LYS A 308 30.92 25.21 -90.68
N LYS A 309 30.55 24.31 -91.60
CA LYS A 309 31.50 23.83 -92.60
C LYS A 309 31.06 24.16 -94.02
N ASP A 310 32.06 24.35 -94.92
CA ASP A 310 31.81 24.55 -96.35
C ASP A 310 31.63 23.16 -96.93
N GLY A 311 30.42 22.90 -97.40
CA GLY A 311 30.02 21.62 -97.96
C GLY A 311 30.88 21.06 -99.08
N LYS A 312 31.18 21.88 -100.10
CA LYS A 312 31.94 21.41 -101.26
C LYS A 312 33.48 21.62 -101.16
N GLU A 313 33.96 22.63 -100.43
CA GLU A 313 35.39 22.87 -100.26
C GLU A 313 35.83 22.18 -98.98
N ALA A 314 36.60 21.09 -99.17
CA ALA A 314 37.07 20.12 -98.18
C ALA A 314 37.80 20.70 -96.96
N GLY A 315 37.44 20.21 -95.77
CA GLY A 315 38.02 20.58 -94.47
C GLY A 315 38.10 22.07 -94.19
N LYS A 316 37.03 22.79 -94.51
CA LYS A 316 37.01 24.24 -94.38
C LYS A 316 35.86 24.69 -93.52
N VAL A 317 36.17 25.48 -92.49
CA VAL A 317 35.20 25.99 -91.55
C VAL A 317 34.73 27.37 -91.98
N LEU A 318 33.60 27.84 -91.41
CA LEU A 318 33.04 29.12 -91.79
C LEU A 318 32.64 30.01 -90.62
N LYS A 319 33.21 31.23 -90.63
CA LYS A 319 32.89 32.32 -89.71
C LYS A 319 31.64 33.06 -90.25
N GLY A 320 30.88 33.70 -89.38
CA GLY A 320 29.74 34.52 -89.79
C GLY A 320 28.40 33.88 -90.08
N ALA A 321 28.20 32.62 -89.69
CA ALA A 321 26.89 31.96 -89.85
C ALA A 321 26.10 32.22 -88.60
N GLU A 322 24.88 32.79 -88.77
CA GLU A 322 23.96 33.16 -87.68
C GLU A 322 22.85 32.15 -87.49
N PHE A 323 22.55 31.87 -86.21
CA PHE A 323 21.53 30.91 -85.78
C PHE A 323 20.67 31.40 -84.61
N GLU A 324 19.45 30.87 -84.54
CA GLU A 324 18.46 31.02 -83.48
C GLU A 324 18.17 29.63 -82.94
N LEU A 325 17.69 29.53 -81.69
CA LEU A 325 17.40 28.24 -81.11
C LEU A 325 15.91 28.13 -80.76
N TYR A 326 15.30 26.98 -81.12
CA TYR A 326 13.88 26.70 -80.88
C TYR A 326 13.64 25.35 -80.20
N GLN A 327 12.51 25.24 -79.50
CA GLN A 327 11.97 23.97 -78.99
C GLN A 327 11.21 23.42 -80.16
N CYS A 328 11.28 22.11 -80.41
CA CYS A 328 10.56 21.55 -81.56
C CYS A 328 10.28 20.05 -81.37
N THR A 329 9.28 19.52 -82.10
CA THR A 329 8.95 18.10 -82.10
C THR A 329 9.66 17.46 -83.29
N SER A 330 9.90 18.27 -84.35
CA SER A 330 10.66 17.94 -85.57
C SER A 330 11.07 19.25 -86.28
N ALA A 331 11.98 19.17 -87.26
CA ALA A 331 12.50 20.31 -88.02
C ALA A 331 11.40 21.07 -88.77
N ALA A 332 10.34 20.35 -89.18
CA ALA A 332 9.20 20.93 -89.92
C ALA A 332 8.18 21.62 -88.98
N VAL A 333 8.28 21.36 -87.66
CA VAL A 333 7.33 21.88 -86.67
C VAL A 333 8.11 22.50 -85.49
N LEU A 334 8.31 23.82 -85.55
CA LEU A 334 9.00 24.59 -84.53
C LEU A 334 8.00 25.02 -83.48
N GLY A 335 8.42 24.92 -82.23
CA GLY A 335 7.61 25.30 -81.08
C GLY A 335 8.10 26.61 -80.51
N LYS A 336 8.32 26.66 -79.18
CA LYS A 336 8.76 27.86 -78.48
C LYS A 336 10.10 28.37 -79.05
N GLY A 337 10.23 29.69 -79.14
CA GLY A 337 11.43 30.35 -79.63
C GLY A 337 11.23 31.54 -80.56
N PRO A 338 12.31 32.25 -80.94
CA PRO A 338 13.73 32.05 -80.56
C PRO A 338 13.95 32.13 -79.06
N LEU A 339 14.66 31.14 -78.52
CA LEU A 339 14.91 31.04 -77.08
C LEU A 339 16.06 31.92 -76.66
N THR A 340 15.97 32.46 -75.42
CA THR A 340 17.03 33.27 -74.82
C THR A 340 17.72 32.40 -73.77
N VAL A 341 19.00 32.09 -74.04
CA VAL A 341 19.85 31.29 -73.15
C VAL A 341 20.96 32.20 -72.67
N ASP A 342 20.98 32.51 -71.35
CA ASP A 342 22.00 33.33 -70.70
C ASP A 342 22.17 34.71 -71.45
N GLY A 343 21.05 35.41 -71.63
CA GLY A 343 20.97 36.73 -72.26
C GLY A 343 21.35 36.85 -73.74
N VAL A 344 21.31 35.72 -74.48
CA VAL A 344 21.65 35.68 -75.90
C VAL A 344 20.50 34.94 -76.60
N LYS A 345 20.05 35.46 -77.76
CA LYS A 345 18.99 34.78 -78.52
C LYS A 345 19.40 34.60 -79.99
N LYS A 346 20.67 34.87 -80.29
CA LYS A 346 21.28 34.72 -81.61
C LYS A 346 22.78 34.48 -81.44
N TRP A 347 23.29 33.43 -82.09
CA TRP A 347 24.69 33.03 -82.00
C TRP A 347 25.30 33.04 -83.41
N THR A 348 26.57 33.45 -83.53
CA THR A 348 27.29 33.52 -84.79
C THR A 348 28.56 32.72 -84.69
N THR A 349 28.93 31.98 -85.73
CA THR A 349 30.18 31.19 -85.73
C THR A 349 31.39 32.10 -85.69
N GLY A 350 32.37 31.70 -84.88
CA GLY A 350 33.60 32.45 -84.65
C GLY A 350 34.66 32.19 -85.69
N ASP A 351 35.89 32.65 -85.38
CA ASP A 351 37.09 32.50 -86.19
C ASP A 351 37.46 31.01 -86.43
N ASP A 352 36.96 30.09 -85.58
CA ASP A 352 37.21 28.66 -85.69
C ASP A 352 36.06 27.93 -86.39
N GLY A 353 35.07 28.69 -86.86
CA GLY A 353 33.86 28.19 -87.50
C GLY A 353 32.86 27.62 -86.53
N THR A 354 32.96 27.97 -85.22
CA THR A 354 32.07 27.39 -84.21
C THR A 354 31.53 28.38 -83.20
N PHE A 355 30.55 27.91 -82.44
CA PHE A 355 30.03 28.55 -81.26
C PHE A 355 29.53 27.45 -80.38
N THR A 356 29.38 27.74 -79.09
CA THR A 356 28.92 26.79 -78.09
C THR A 356 27.89 27.48 -77.23
N ILE A 357 26.69 26.89 -77.12
CA ILE A 357 25.68 27.38 -76.19
C ILE A 357 25.91 26.64 -74.86
N ASP A 358 26.32 27.37 -73.79
CA ASP A 358 26.46 26.84 -72.43
C ASP A 358 25.29 27.40 -71.62
N GLY A 359 24.18 26.69 -71.47
CA GLY A 359 23.90 25.33 -71.91
C GLY A 359 22.40 25.06 -71.91
N LEU A 360 22.00 23.84 -72.24
CA LEU A 360 20.57 23.51 -72.38
C LEU A 360 20.14 22.34 -71.53
N HIS A 361 18.84 22.32 -71.20
CA HIS A 361 18.19 21.26 -70.42
C HIS A 361 18.06 20.01 -71.31
N VAL A 362 18.40 18.81 -70.80
CA VAL A 362 18.28 17.58 -71.60
C VAL A 362 16.81 17.31 -71.87
N THR A 363 16.54 16.68 -73.02
CA THR A 363 15.20 16.41 -73.49
C THR A 363 14.58 15.11 -72.96
N ASP A 364 15.38 14.24 -72.27
CA ASP A 364 14.89 12.93 -71.84
C ASP A 364 14.74 12.76 -70.30
N PHE A 365 15.02 13.81 -69.51
CA PHE A 365 14.95 13.73 -68.04
C PHE A 365 14.62 15.11 -67.51
N GLU A 366 13.49 15.25 -66.81
CA GLU A 366 13.03 16.52 -66.24
C GLU A 366 12.15 16.33 -65.01
N ASP A 367 12.13 17.36 -64.13
CA ASP A 367 11.42 17.44 -62.87
C ASP A 367 11.76 16.24 -61.98
N GLY A 368 13.01 15.80 -62.08
CA GLY A 368 13.55 14.71 -61.29
C GLY A 368 13.29 13.30 -61.79
N LYS A 369 12.74 13.13 -63.02
CA LYS A 369 12.42 11.78 -63.56
C LYS A 369 12.53 11.71 -65.10
N GLU A 370 12.61 10.47 -65.65
CA GLU A 370 12.67 10.18 -67.10
C GLU A 370 11.51 10.85 -67.83
N ALA A 371 11.81 11.53 -68.96
CA ALA A 371 10.80 12.25 -69.73
C ALA A 371 9.86 11.31 -70.40
N ALA A 372 8.56 11.64 -70.31
CA ALA A 372 7.46 10.87 -70.86
C ALA A 372 6.46 11.74 -71.65
N PRO A 373 6.50 11.66 -73.00
CA PRO A 373 7.44 10.86 -73.83
C PRO A 373 8.69 11.69 -74.21
N ALA A 374 9.77 11.06 -74.69
CA ALA A 374 10.96 11.83 -75.07
C ALA A 374 10.76 12.46 -76.48
N THR A 375 9.63 13.19 -76.67
CA THR A 375 9.22 13.85 -77.92
C THR A 375 9.87 15.23 -78.16
N LYS A 376 10.38 15.86 -77.09
CA LYS A 376 11.01 17.17 -77.12
C LYS A 376 12.33 17.10 -77.83
N LYS A 377 12.61 18.10 -78.66
CA LYS A 377 13.87 18.27 -79.36
C LYS A 377 14.25 19.75 -79.40
N PHE A 378 15.46 20.04 -79.81
CA PHE A 378 15.92 21.40 -80.03
C PHE A 378 16.09 21.54 -81.51
N CYS A 379 15.91 22.73 -82.01
CA CYS A 379 16.04 23.01 -83.43
C CYS A 379 16.92 24.23 -83.61
N LEU A 380 17.91 24.12 -84.50
CA LEU A 380 18.77 25.26 -84.86
C LEU A 380 18.28 25.83 -86.16
N LYS A 381 17.93 27.11 -86.16
CA LYS A 381 17.48 27.79 -87.38
C LYS A 381 18.59 28.71 -87.88
N GLU A 382 19.09 28.48 -89.10
CA GLU A 382 20.12 29.33 -89.70
C GLU A 382 19.44 30.57 -90.25
N THR A 383 19.73 31.75 -89.66
CA THR A 383 19.05 32.99 -90.09
C THR A 383 19.86 33.77 -91.12
N LYS A 384 21.18 33.52 -91.20
CA LYS A 384 22.07 34.21 -92.12
C LYS A 384 23.29 33.32 -92.41
N ALA A 385 23.59 33.14 -93.68
CA ALA A 385 24.73 32.34 -94.13
C ALA A 385 25.95 33.27 -94.27
N PRO A 386 27.20 32.79 -94.16
CA PRO A 386 28.36 33.70 -94.36
C PRO A 386 28.33 34.37 -95.74
N ALA A 387 29.06 35.49 -95.90
CA ALA A 387 29.11 36.23 -97.19
C ALA A 387 29.52 35.32 -98.37
N GLY A 388 28.71 35.34 -99.42
CA GLY A 388 28.94 34.56 -100.63
C GLY A 388 28.45 33.14 -100.59
N TYR A 389 27.66 32.81 -99.57
CA TYR A 389 27.07 31.49 -99.38
C TYR A 389 25.57 31.57 -99.44
N ALA A 390 24.93 30.56 -100.02
CA ALA A 390 23.47 30.52 -100.07
C ALA A 390 22.94 30.00 -98.77
N LEU A 391 21.71 30.42 -98.43
CA LEU A 391 21.07 29.93 -97.21
C LEU A 391 20.62 28.51 -97.47
N PRO A 392 21.11 27.51 -96.70
CA PRO A 392 20.69 26.11 -96.97
C PRO A 392 19.18 25.89 -96.91
N ASP A 393 18.71 24.88 -97.65
CA ASP A 393 17.31 24.48 -97.65
C ASP A 393 17.26 22.97 -97.38
N PRO A 394 16.76 22.53 -96.20
CA PRO A 394 16.16 23.34 -95.11
C PRO A 394 17.24 24.08 -94.29
N ASN A 395 16.83 25.18 -93.65
CA ASN A 395 17.72 25.95 -92.80
C ASN A 395 17.52 25.57 -91.32
N VAL A 396 16.78 24.45 -91.06
CA VAL A 396 16.49 23.97 -89.70
C VAL A 396 17.15 22.60 -89.48
N THR A 397 17.86 22.45 -88.35
CA THR A 397 18.55 21.23 -87.96
C THR A 397 17.99 20.78 -86.61
N GLU A 398 17.29 19.62 -86.58
CA GLU A 398 16.74 19.13 -85.31
C GLU A 398 17.81 18.36 -84.54
N ILE A 399 17.84 18.57 -83.22
CA ILE A 399 18.85 17.99 -82.31
C ILE A 399 18.19 17.08 -81.27
N GLU A 400 18.73 15.87 -81.11
CA GLU A 400 18.25 14.94 -80.09
C GLU A 400 19.16 15.15 -78.92
N PHE A 401 18.80 16.10 -78.06
CA PHE A 401 19.65 16.53 -76.94
C PHE A 401 19.28 15.74 -75.66
N THR A 402 19.65 14.45 -75.67
CA THR A 402 19.41 13.50 -74.60
C THR A 402 20.69 13.25 -73.88
N ARG A 403 20.60 12.80 -72.60
CA ARG A 403 21.74 12.49 -71.76
C ARG A 403 22.72 11.57 -72.46
N ALA A 404 22.19 10.51 -73.08
CA ALA A 404 22.96 9.48 -73.81
C ALA A 404 23.70 10.06 -75.00
N LYS A 405 23.02 10.83 -75.86
CA LYS A 405 23.62 11.46 -77.04
C LYS A 405 24.65 12.53 -76.67
N ILE A 406 24.50 13.25 -75.55
CA ILE A 406 25.47 14.28 -75.12
C ILE A 406 26.69 13.57 -74.54
N SER A 407 26.50 12.38 -73.97
CA SER A 407 27.55 11.57 -73.34
C SER A 407 28.51 10.91 -74.35
N GLU A 408 28.11 10.80 -75.62
CA GLU A 408 28.97 10.18 -76.64
C GLU A 408 30.30 10.98 -76.80
N LYS A 409 31.41 10.30 -76.99
CA LYS A 409 32.68 11.01 -77.14
C LYS A 409 33.15 10.90 -78.58
N ASP A 410 33.83 11.92 -79.08
CA ASP A 410 34.39 11.97 -80.42
C ASP A 410 35.63 12.85 -80.33
N LYS A 411 36.77 12.19 -80.06
CA LYS A 411 38.11 12.77 -79.88
C LYS A 411 38.57 13.65 -81.09
N PHE A 412 37.80 13.59 -82.19
CA PHE A 412 38.06 14.27 -83.44
C PHE A 412 37.18 15.54 -83.61
N ASP A 416 33.22 15.97 -76.23
CA ASP A 416 33.41 15.35 -74.92
C ASP A 416 32.04 14.96 -74.28
N GLU A 417 32.10 14.39 -73.03
CA GLU A 417 30.98 13.86 -72.24
C GLU A 417 29.88 14.90 -71.90
N VAL A 418 30.19 16.25 -71.94
CA VAL A 418 29.19 17.25 -71.53
C VAL A 418 28.72 18.11 -72.70
N THR A 419 29.28 17.88 -73.90
CA THR A 419 29.00 18.63 -75.13
C THR A 419 28.49 17.73 -76.25
N LEU A 420 27.42 18.18 -76.94
CA LEU A 420 26.87 17.57 -78.14
C LEU A 420 27.26 18.52 -79.32
N VAL A 421 27.97 18.00 -80.34
CA VAL A 421 28.45 18.78 -81.49
C VAL A 421 27.56 18.53 -82.73
N SER A 422 27.09 19.64 -83.34
CA SER A 422 26.27 19.62 -84.55
C SER A 422 27.03 20.27 -85.75
N GLU A 423 27.28 19.46 -86.82
CA GLU A 423 27.93 19.92 -88.08
C GLU A 423 26.90 20.42 -89.08
N ILE A 424 27.01 21.69 -89.52
CA ILE A 424 26.03 22.24 -90.47
C ILE A 424 26.82 22.74 -91.71
N LYS A 425 26.32 22.43 -92.91
CA LYS A 425 27.02 22.73 -94.15
C LYS A 425 26.41 23.88 -94.95
N ASN A 426 27.28 24.69 -95.56
CA ASN A 426 26.93 25.80 -96.45
C ASN A 426 27.67 25.62 -97.79
N ILE A 427 27.02 26.04 -98.91
CA ILE A 427 27.53 25.97 -100.29
C ILE A 427 27.60 27.38 -100.88
N LYS A 428 28.71 27.71 -101.58
CA LYS A 428 28.96 29.01 -102.22
C LYS A 428 27.83 29.36 -103.20
N GLN A 429 27.41 30.64 -103.24
CA GLN A 429 26.33 31.12 -104.08
C GLN A 429 26.63 31.04 -105.57
N GLY A 430 25.57 30.89 -106.35
CA GLY A 430 25.60 30.88 -107.80
C GLY A 430 25.81 29.53 -108.45
N THR A 431 26.89 28.83 -108.03
CA THR A 431 27.31 27.55 -108.59
C THR A 431 28.13 26.81 -107.53
N GLN B 18 -51.77 -28.57 101.51
CA GLN B 18 -51.13 -28.90 100.23
C GLN B 18 -49.63 -29.31 100.42
N ARG B 19 -49.16 -30.29 99.62
CA ARG B 19 -47.79 -30.83 99.67
C ARG B 19 -46.79 -29.94 98.92
N ALA B 20 -45.53 -29.90 99.39
CA ALA B 20 -44.45 -29.13 98.73
C ALA B 20 -43.46 -30.09 98.05
N ASN B 21 -43.75 -31.38 98.11
CA ASN B 21 -42.91 -32.44 97.57
C ASN B 21 -42.72 -32.38 96.07
N ILE B 22 -41.72 -33.09 95.58
CA ILE B 22 -41.54 -33.29 94.15
C ILE B 22 -42.52 -34.40 93.78
N ASP B 23 -43.21 -34.25 92.64
CA ASP B 23 -44.15 -35.26 92.13
C ASP B 23 -43.43 -36.02 91.05
N PHE B 24 -42.96 -37.23 91.39
CA PHE B 24 -42.17 -38.06 90.48
C PHE B 24 -43.03 -38.77 89.44
N GLU B 25 -44.36 -38.56 89.49
CA GLU B 25 -45.34 -39.08 88.53
C GLU B 25 -45.46 -38.11 87.38
N ARG B 26 -44.83 -36.92 87.56
CA ARG B 26 -44.84 -35.80 86.63
C ARG B 26 -43.68 -35.84 85.67
N LYS B 27 -43.88 -35.19 84.54
CA LYS B 27 -42.88 -35.04 83.49
C LYS B 27 -42.60 -33.55 83.38
N GLY B 28 -41.35 -33.22 83.12
CA GLY B 28 -40.93 -31.83 82.97
C GLY B 28 -40.69 -31.42 81.53
N SER B 29 -40.16 -30.20 81.36
CA SER B 29 -39.79 -29.63 80.08
C SER B 29 -38.66 -28.60 80.24
N LEU B 30 -38.00 -28.33 79.11
CA LEU B 30 -36.94 -27.34 78.94
C LEU B 30 -37.23 -26.53 77.69
N THR B 31 -37.26 -25.21 77.84
CA THR B 31 -37.51 -24.26 76.76
C THR B 31 -36.32 -23.34 76.65
N LEU B 32 -35.64 -23.42 75.50
CA LEU B 32 -34.46 -22.61 75.19
C LEU B 32 -34.87 -21.44 74.32
N HIS B 33 -34.49 -20.23 74.73
CA HIS B 33 -34.75 -19.01 73.96
C HIS B 33 -33.41 -18.47 73.49
N LYS B 34 -32.93 -19.03 72.37
CA LYS B 34 -31.64 -18.73 71.77
C LYS B 34 -31.55 -17.30 71.29
N LYS B 35 -30.47 -16.62 71.67
CA LYS B 35 -30.26 -15.23 71.28
C LYS B 35 -28.86 -15.03 70.72
N LYS B 36 -28.70 -13.94 69.92
CA LYS B 36 -27.47 -13.49 69.27
C LYS B 36 -27.02 -12.16 69.93
N GLY B 37 -25.82 -12.17 70.53
CA GLY B 37 -25.23 -11.06 71.25
C GLY B 37 -25.35 -11.27 72.75
N ALA B 38 -24.32 -10.85 73.52
CA ALA B 38 -24.23 -11.01 74.99
C ALA B 38 -25.40 -10.35 75.73
N ALA B 53 -30.90 -10.84 76.85
CA ALA B 53 -31.53 -10.08 75.77
C ALA B 53 -30.67 -10.11 74.47
N GLY B 54 -31.33 -9.85 73.32
CA GLY B 54 -30.71 -9.83 72.01
C GLY B 54 -31.61 -10.27 70.86
N GLU B 55 -31.00 -10.57 69.70
CA GLU B 55 -31.67 -10.98 68.47
C GLU B 55 -32.07 -12.48 68.51
N PRO B 56 -33.35 -12.86 68.25
CA PRO B 56 -33.67 -14.30 68.21
C PRO B 56 -32.86 -15.01 67.15
N LEU B 57 -32.32 -16.16 67.49
CA LEU B 57 -31.50 -16.91 66.57
C LEU B 57 -32.08 -18.30 66.28
N ASN B 58 -32.55 -18.48 65.05
CA ASN B 58 -33.06 -19.76 64.59
C ASN B 58 -31.90 -20.55 63.98
N GLY B 59 -32.12 -21.83 63.75
CA GLY B 59 -31.13 -22.68 63.09
C GLY B 59 -30.12 -23.38 63.96
N VAL B 60 -30.13 -23.07 65.27
CA VAL B 60 -29.24 -23.70 66.24
C VAL B 60 -29.91 -24.94 66.80
N THR B 61 -29.23 -26.10 66.72
CA THR B 61 -29.69 -27.39 67.23
C THR B 61 -29.06 -27.67 68.61
N PHE B 62 -29.90 -28.05 69.57
CA PHE B 62 -29.46 -28.37 70.91
C PHE B 62 -29.67 -29.82 71.24
N LYS B 63 -28.71 -30.42 71.95
CA LYS B 63 -28.79 -31.81 72.41
C LYS B 63 -28.79 -31.83 73.92
N ILE B 64 -29.84 -32.43 74.50
CA ILE B 64 -29.92 -32.63 75.94
C ILE B 64 -29.59 -34.09 76.19
N THR B 65 -28.94 -34.34 77.30
CA THR B 65 -28.49 -35.67 77.65
C THR B 65 -28.85 -35.91 79.11
N LYS B 66 -29.64 -36.96 79.39
CA LYS B 66 -30.00 -37.28 80.78
C LYS B 66 -28.77 -37.81 81.53
N LEU B 67 -28.62 -37.42 82.79
CA LEU B 67 -27.45 -37.91 83.48
C LEU B 67 -27.81 -39.00 84.47
N ASN B 68 -26.76 -39.77 84.86
CA ASN B 68 -26.72 -40.88 85.79
C ASN B 68 -26.78 -40.36 87.24
N PHE B 69 -27.88 -39.67 87.58
CA PHE B 69 -28.21 -39.11 88.89
C PHE B 69 -29.71 -39.33 89.19
N ASP B 70 -30.02 -39.84 90.39
CA ASP B 70 -31.39 -40.13 90.85
C ASP B 70 -31.86 -39.04 91.81
N LEU B 71 -32.90 -38.30 91.37
CA LEU B 71 -33.52 -37.20 92.12
C LEU B 71 -34.33 -37.68 93.30
N GLN B 72 -34.87 -38.91 93.18
CA GLN B 72 -35.75 -39.53 94.17
C GLN B 72 -35.01 -40.17 95.33
N ASN B 73 -33.83 -40.79 95.10
CA ASN B 73 -33.11 -41.50 96.15
C ASN B 73 -31.64 -41.08 96.30
N GLY B 74 -31.06 -40.43 95.29
CA GLY B 74 -29.68 -39.98 95.34
C GLY B 74 -29.45 -38.77 96.22
N ASP B 75 -28.16 -38.47 96.47
CA ASP B 75 -27.74 -37.34 97.30
C ASP B 75 -27.54 -36.14 96.41
N TRP B 76 -28.38 -35.12 96.63
CA TRP B 76 -28.39 -33.88 95.86
C TRP B 76 -27.15 -33.02 96.05
N ALA B 77 -26.47 -33.14 97.21
CA ALA B 77 -25.25 -32.39 97.51
C ALA B 77 -24.11 -32.76 96.56
N LYS B 78 -24.15 -33.99 95.99
CA LYS B 78 -23.16 -34.53 95.06
C LYS B 78 -23.50 -34.26 93.56
N PHE B 79 -24.66 -33.61 93.28
CA PHE B 79 -25.15 -33.36 91.92
C PHE B 79 -24.27 -32.36 91.16
N PRO B 80 -24.02 -32.62 89.85
CA PRO B 80 -23.15 -31.71 89.07
C PRO B 80 -23.70 -30.29 88.96
N LYS B 81 -22.81 -29.29 89.16
CA LYS B 81 -23.08 -27.85 89.12
C LYS B 81 -22.56 -27.19 87.81
N THR B 82 -21.64 -27.85 87.09
CA THR B 82 -21.03 -27.36 85.85
C THR B 82 -20.94 -28.50 84.82
N ALA B 83 -20.75 -28.17 83.52
CA ALA B 83 -20.63 -29.16 82.42
C ALA B 83 -19.44 -30.11 82.64
N ALA B 84 -18.37 -29.64 83.33
CA ALA B 84 -17.16 -30.39 83.69
C ALA B 84 -17.47 -31.52 84.69
N ASP B 85 -18.36 -31.25 85.69
CA ASP B 85 -18.76 -32.22 86.71
C ASP B 85 -19.67 -33.32 86.12
N ALA B 86 -20.31 -33.04 84.98
CA ALA B 86 -21.19 -33.99 84.30
C ALA B 86 -20.43 -35.10 83.55
N LYS B 87 -19.15 -34.85 83.21
CA LYS B 87 -18.30 -35.77 82.45
C LYS B 87 -18.18 -37.10 83.15
N GLY B 88 -18.54 -38.16 82.43
CA GLY B 88 -18.52 -39.53 82.92
C GLY B 88 -19.84 -40.00 83.50
N HIS B 89 -20.91 -39.17 83.42
CA HIS B 89 -22.21 -39.53 83.98
C HIS B 89 -23.33 -39.43 82.93
N GLU B 90 -22.99 -39.63 81.64
CA GLU B 90 -23.90 -39.56 80.51
C GLU B 90 -24.68 -40.86 80.31
N THR B 91 -25.93 -40.76 79.83
CA THR B 91 -26.82 -41.90 79.55
C THR B 91 -27.25 -41.89 78.07
N SER B 92 -27.91 -42.99 77.62
CA SER B 92 -28.43 -43.21 76.27
C SER B 92 -29.64 -42.31 75.95
N THR B 93 -30.29 -41.76 76.97
CA THR B 93 -31.45 -40.89 76.82
C THR B 93 -30.97 -39.49 76.37
N THR B 94 -31.24 -39.17 75.10
CA THR B 94 -30.89 -37.90 74.46
C THR B 94 -32.02 -37.42 73.56
N LYS B 95 -32.04 -36.12 73.25
CA LYS B 95 -33.05 -35.49 72.41
C LYS B 95 -32.43 -34.27 71.75
N GLU B 96 -32.64 -34.09 70.42
CA GLU B 96 -32.11 -32.97 69.62
C GLU B 96 -33.25 -32.14 69.04
N VAL B 97 -33.21 -30.81 69.21
CA VAL B 97 -34.24 -29.88 68.74
C VAL B 97 -33.58 -28.63 68.18
N GLU B 98 -34.03 -28.15 67.00
CA GLU B 98 -33.51 -26.94 66.36
C GLU B 98 -34.47 -25.79 66.66
N THR B 99 -33.94 -24.57 66.87
CA THR B 99 -34.69 -23.32 67.16
C THR B 99 -35.51 -22.94 65.91
N SER B 100 -36.81 -22.57 66.09
CA SER B 100 -37.72 -22.38 64.95
C SER B 100 -38.44 -21.03 64.80
N GLY B 101 -39.19 -20.60 65.79
CA GLY B 101 -39.98 -19.38 65.62
C GLY B 101 -39.26 -18.12 66.02
N ASN B 102 -39.24 -17.85 67.33
CA ASN B 102 -38.58 -16.73 67.98
C ASN B 102 -37.23 -17.22 68.52
N GLY B 103 -36.62 -18.16 67.79
CA GLY B 103 -35.37 -18.79 68.19
C GLY B 103 -35.61 -19.62 69.42
N THR B 104 -36.65 -20.48 69.35
CA THR B 104 -37.11 -21.30 70.47
C THR B 104 -37.03 -22.79 70.16
N ALA B 105 -36.48 -23.54 71.13
CA ALA B 105 -36.36 -25.00 71.11
C ALA B 105 -36.98 -25.53 72.40
N VAL B 106 -38.04 -26.35 72.27
CA VAL B 106 -38.79 -26.93 73.37
C VAL B 106 -38.54 -28.42 73.46
N PHE B 107 -38.13 -28.87 74.66
CA PHE B 107 -37.88 -30.27 75.01
C PHE B 107 -38.97 -30.70 75.97
N ASP B 108 -39.98 -31.46 75.48
CA ASP B 108 -41.17 -31.91 76.22
C ASP B 108 -41.07 -33.34 76.75
N ASN B 109 -42.02 -33.71 77.67
CA ASN B 109 -42.22 -35.02 78.29
C ASN B 109 -40.91 -35.62 78.75
N LEU B 110 -40.20 -34.84 79.56
CA LEU B 110 -38.90 -35.18 80.10
C LEU B 110 -39.03 -35.91 81.42
N ASP B 111 -38.27 -36.99 81.52
CA ASP B 111 -38.16 -37.70 82.79
C ASP B 111 -37.53 -36.74 83.78
N LEU B 112 -37.96 -36.72 85.03
CA LEU B 112 -37.35 -35.79 85.98
C LEU B 112 -35.89 -36.22 86.22
N GLY B 113 -34.99 -35.25 86.25
CA GLY B 113 -33.57 -35.50 86.44
C GLY B 113 -32.66 -34.35 86.11
N ILE B 114 -31.34 -34.66 86.01
CA ILE B 114 -30.28 -33.70 85.69
C ILE B 114 -29.89 -33.91 84.26
N TYR B 115 -29.83 -32.81 83.53
CA TYR B 115 -29.52 -32.81 82.11
C TYR B 115 -28.38 -31.89 81.77
N LEU B 116 -27.55 -32.34 80.84
CA LEU B 116 -26.48 -31.59 80.20
C LEU B 116 -27.03 -31.06 78.88
N VAL B 117 -26.89 -29.76 78.65
CA VAL B 117 -27.39 -29.08 77.46
C VAL B 117 -26.19 -28.63 76.61
N GLU B 118 -26.06 -29.17 75.39
CA GLU B 118 -25.00 -28.88 74.42
C GLU B 118 -25.54 -28.40 73.07
N GLU B 119 -24.83 -27.44 72.43
CA GLU B 119 -25.16 -26.99 71.08
C GLU B 119 -24.46 -27.94 70.13
N THR B 120 -25.19 -28.59 69.21
CA THR B 120 -24.58 -29.56 68.27
C THR B 120 -24.29 -28.95 66.90
N LYS B 121 -25.21 -28.11 66.39
CA LYS B 121 -25.14 -27.45 65.09
C LYS B 121 -25.63 -26.01 65.19
N ALA B 122 -24.99 -25.12 64.44
CA ALA B 122 -25.33 -23.70 64.39
C ALA B 122 -25.07 -23.13 62.97
N PRO B 123 -25.74 -22.02 62.54
CA PRO B 123 -25.41 -21.43 61.24
C PRO B 123 -23.97 -20.90 61.19
N ASP B 124 -23.45 -20.68 59.98
CA ASP B 124 -22.09 -20.20 59.73
C ASP B 124 -21.76 -18.91 60.49
N GLY B 125 -20.53 -18.85 61.00
CA GLY B 125 -20.04 -17.70 61.74
C GLY B 125 -20.58 -17.51 63.15
N ILE B 126 -21.49 -18.41 63.62
CA ILE B 126 -22.06 -18.30 64.95
C ILE B 126 -21.18 -19.05 65.97
N VAL B 127 -20.64 -18.26 66.93
CA VAL B 127 -19.78 -18.72 68.00
C VAL B 127 -20.69 -19.09 69.17
N THR B 128 -20.88 -20.39 69.37
CA THR B 128 -21.75 -20.94 70.39
C THR B 128 -21.24 -20.71 71.82
N GLY B 129 -22.19 -20.65 72.76
CA GLY B 129 -21.93 -20.55 74.20
C GLY B 129 -21.53 -21.89 74.75
N ALA B 130 -20.97 -21.92 75.98
CA ALA B 130 -20.49 -23.14 76.65
C ALA B 130 -21.65 -24.06 77.10
N PRO B 131 -21.41 -25.40 77.14
CA PRO B 131 -22.48 -26.32 77.59
C PRO B 131 -22.86 -26.06 79.05
N PHE B 132 -24.12 -26.34 79.39
CA PHE B 132 -24.58 -26.07 80.74
C PHE B 132 -25.49 -27.19 81.24
N ILE B 133 -25.85 -27.11 82.52
CA ILE B 133 -26.58 -28.13 83.26
C ILE B 133 -27.90 -27.58 83.71
N VAL B 134 -28.95 -28.44 83.65
CA VAL B 134 -30.27 -28.10 84.16
C VAL B 134 -30.76 -29.22 85.05
N SER B 135 -31.57 -28.86 86.03
CA SER B 135 -32.25 -29.78 86.91
C SER B 135 -33.74 -29.68 86.62
N ILE B 136 -34.39 -30.82 86.40
CA ILE B 136 -35.83 -30.82 86.17
C ILE B 136 -36.45 -31.77 87.24
N PRO B 137 -37.18 -31.25 88.26
CA PRO B 137 -37.53 -29.83 88.50
C PRO B 137 -36.39 -29.04 89.17
N MET B 138 -36.63 -27.74 89.42
CA MET B 138 -35.66 -26.84 90.06
C MET B 138 -36.38 -25.76 90.81
N VAL B 139 -35.64 -24.95 91.56
CA VAL B 139 -36.13 -23.75 92.26
C VAL B 139 -35.05 -22.69 92.14
N ASN B 140 -35.47 -21.43 92.02
CA ASN B 140 -34.54 -20.32 91.97
C ASN B 140 -34.22 -19.93 93.43
N GLU B 141 -35.28 -19.84 94.26
CA GLU B 141 -35.31 -19.50 95.69
C GLU B 141 -35.96 -20.65 96.48
N ALA B 142 -35.60 -20.78 97.77
CA ALA B 142 -36.20 -21.81 98.65
C ALA B 142 -37.72 -21.62 98.79
N SER B 143 -38.21 -20.36 98.72
CA SER B 143 -39.63 -19.99 98.82
C SER B 143 -40.44 -20.34 97.55
N ASP B 144 -39.77 -20.63 96.44
CA ASP B 144 -40.49 -20.98 95.20
C ASP B 144 -41.07 -22.35 95.26
N ALA B 145 -42.10 -22.60 94.46
CA ALA B 145 -42.64 -23.94 94.26
C ALA B 145 -41.72 -24.63 93.28
N TRP B 146 -41.63 -25.99 93.29
CA TRP B 146 -40.78 -26.72 92.35
C TRP B 146 -41.21 -26.37 90.93
N ASN B 147 -40.24 -26.08 90.06
CA ASN B 147 -40.50 -25.71 88.67
C ASN B 147 -40.08 -26.84 87.74
N TYR B 148 -41.06 -27.42 87.07
CA TYR B 148 -40.92 -28.54 86.17
C TYR B 148 -40.73 -28.09 84.72
N ASN B 149 -41.01 -26.80 84.43
CA ASN B 149 -40.92 -26.23 83.08
C ASN B 149 -39.87 -25.13 83.06
N VAL B 150 -38.63 -25.58 82.91
CA VAL B 150 -37.41 -24.77 82.96
C VAL B 150 -37.26 -23.99 81.66
N VAL B 151 -36.93 -22.72 81.81
CA VAL B 151 -36.71 -21.79 80.71
C VAL B 151 -35.26 -21.28 80.83
N ALA B 152 -34.47 -21.37 79.74
CA ALA B 152 -33.08 -20.93 79.68
C ALA B 152 -32.85 -20.08 78.45
N TYR B 153 -31.90 -19.14 78.55
CA TYR B 153 -31.60 -18.19 77.48
C TYR B 153 -30.14 -18.35 77.06
N PRO B 154 -29.81 -19.39 76.24
CA PRO B 154 -28.41 -19.55 75.81
C PRO B 154 -27.99 -18.40 74.90
N LYS B 155 -26.69 -18.06 74.91
CA LYS B 155 -26.20 -16.95 74.11
C LYS B 155 -25.22 -17.40 73.05
N ASN B 156 -25.12 -16.58 71.99
CA ASN B 156 -24.27 -16.79 70.83
C ASN B 156 -23.77 -15.45 70.32
N THR B 157 -22.56 -15.41 69.70
CA THR B 157 -21.97 -14.18 69.12
C THR B 157 -21.64 -14.44 67.66
N GLU B 158 -21.80 -13.41 66.79
CA GLU B 158 -21.66 -13.53 65.35
C GLU B 158 -20.35 -12.99 64.79
N THR B 159 -19.47 -13.89 64.26
CA THR B 159 -18.22 -13.52 63.56
C THR B 159 -18.52 -13.43 62.05
N LYS B 160 -17.91 -12.43 61.37
CA LYS B 160 -18.14 -12.18 59.96
C LYS B 160 -16.87 -12.35 59.12
N THR B 161 -17.06 -12.54 57.79
CA THR B 161 -16.02 -12.72 56.77
C THR B 161 -16.36 -11.99 55.49
N GLU B 162 -15.35 -11.38 54.88
CA GLU B 162 -15.49 -10.63 53.62
C GLU B 162 -14.26 -10.89 52.68
N LYS B 163 -14.49 -10.88 51.36
CA LYS B 163 -13.46 -11.07 50.36
C LYS B 163 -13.54 -9.93 49.37
N THR B 164 -12.39 -9.33 49.05
CA THR B 164 -12.30 -8.27 48.05
C THR B 164 -11.21 -8.62 46.99
N VAL B 165 -11.24 -7.91 45.87
CA VAL B 165 -10.24 -8.17 44.85
C VAL B 165 -9.65 -6.83 44.39
N LYS B 166 -8.30 -6.79 44.23
CA LYS B 166 -7.61 -5.63 43.65
C LYS B 166 -7.00 -6.12 42.31
N ASP B 167 -7.73 -5.90 41.21
CA ASP B 167 -7.32 -6.41 39.90
C ASP B 167 -7.32 -5.32 38.78
N ALA B 168 -7.67 -4.05 39.12
CA ALA B 168 -7.78 -2.95 38.17
C ALA B 168 -6.53 -2.82 37.26
N ASP B 169 -6.74 -2.74 35.92
CA ASP B 169 -5.69 -2.61 34.90
C ASP B 169 -4.74 -3.83 34.83
N GLN B 170 -4.98 -4.90 35.61
CA GLN B 170 -4.12 -6.08 35.59
C GLN B 170 -4.68 -7.09 34.59
N ASN B 171 -3.94 -7.32 33.51
CA ASN B 171 -4.35 -8.22 32.41
C ASN B 171 -3.82 -9.64 32.63
N ILE B 172 -3.98 -10.54 31.65
CA ILE B 172 -3.51 -11.93 31.81
C ILE B 172 -2.00 -11.96 32.09
N GLN B 173 -1.61 -12.71 33.10
CA GLN B 173 -0.24 -12.93 33.59
C GLN B 173 0.30 -11.74 34.39
N ASP B 174 -0.57 -10.76 34.72
CA ASP B 174 -0.26 -9.65 35.62
C ASP B 174 -0.74 -10.05 36.98
N ALA B 175 0.04 -9.76 38.00
CA ALA B 175 -0.28 -10.17 39.37
C ALA B 175 -1.33 -9.28 39.98
N TYR B 176 -2.32 -9.90 40.61
CA TYR B 176 -3.36 -9.12 41.27
C TYR B 176 -3.59 -9.77 42.63
N THR B 177 -4.23 -9.04 43.57
CA THR B 177 -4.42 -9.56 44.92
C THR B 177 -5.87 -9.82 45.30
N TYR B 178 -6.05 -10.82 46.19
CA TYR B 178 -7.28 -11.19 46.86
C TYR B 178 -7.09 -10.88 48.32
N THR B 179 -8.10 -10.30 48.97
CA THR B 179 -7.97 -10.00 50.39
C THR B 179 -9.16 -10.57 51.14
N ILE B 180 -8.86 -11.36 52.18
CA ILE B 180 -9.85 -12.01 53.03
C ILE B 180 -9.75 -11.41 54.42
N LYS B 181 -10.86 -10.81 54.86
CA LYS B 181 -11.06 -10.18 56.16
C LYS B 181 -12.00 -11.02 56.99
N ALA B 182 -11.67 -11.27 58.27
CA ALA B 182 -12.53 -12.07 59.14
C ALA B 182 -12.39 -11.72 60.59
N ASP B 183 -13.53 -11.70 61.30
CA ASP B 183 -13.56 -11.43 62.73
C ASP B 183 -13.17 -12.68 63.49
N ALA B 184 -12.16 -12.56 64.36
CA ALA B 184 -11.76 -13.66 65.24
C ALA B 184 -12.82 -13.74 66.37
N PRO B 185 -13.02 -14.90 67.06
CA PRO B 185 -14.05 -14.94 68.12
C PRO B 185 -13.73 -14.02 69.29
N THR B 186 -14.79 -13.57 69.96
CA THR B 186 -14.76 -12.72 71.15
C THR B 186 -14.82 -13.62 72.36
N TRP B 187 -13.94 -13.38 73.34
CA TRP B 187 -13.89 -14.15 74.58
C TRP B 187 -13.52 -13.24 75.77
N LYS B 191 -9.44 -18.25 78.39
CA LYS B 191 -9.11 -19.07 77.20
C LYS B 191 -8.77 -18.21 75.96
N LYS B 192 -8.24 -18.85 74.87
CA LYS B 192 -7.82 -18.23 73.59
C LYS B 192 -7.90 -19.27 72.41
N LEU B 193 -7.56 -18.84 71.17
CA LEU B 193 -7.58 -19.63 69.94
C LEU B 193 -6.52 -20.74 69.93
N THR B 194 -6.90 -21.92 69.44
CA THR B 194 -6.04 -23.11 69.37
C THR B 194 -5.67 -23.42 67.90
N ALA B 195 -6.53 -23.04 66.92
CA ALA B 195 -6.32 -23.27 65.50
C ALA B 195 -7.17 -22.33 64.61
N PHE B 196 -6.54 -21.32 63.97
CA PHE B 196 -7.20 -20.39 63.05
C PHE B 196 -6.60 -20.53 61.66
N ARG B 197 -7.46 -20.77 60.64
CA ARG B 197 -6.99 -20.90 59.26
C ARG B 197 -7.92 -20.23 58.23
N PHE B 198 -7.33 -19.88 57.07
CA PHE B 198 -7.94 -19.31 55.89
C PHE B 198 -7.86 -20.34 54.82
N GLU B 199 -8.99 -20.64 54.16
CA GLU B 199 -8.96 -21.57 53.03
C GLU B 199 -9.56 -20.90 51.80
N ASP B 200 -8.96 -21.13 50.64
CA ASP B 200 -9.43 -20.58 49.39
C ASP B 200 -9.16 -21.54 48.25
N GLU B 201 -10.23 -22.11 47.68
CA GLU B 201 -10.15 -22.99 46.53
C GLU B 201 -10.04 -22.11 45.27
N LEU B 202 -8.80 -21.95 44.72
CA LEU B 202 -8.52 -21.07 43.58
C LEU B 202 -8.92 -21.71 42.27
N ASP B 203 -9.49 -20.89 41.38
CA ASP B 203 -9.88 -21.29 40.03
C ASP B 203 -8.67 -21.86 39.28
N LYS B 204 -8.87 -22.93 38.50
CA LYS B 204 -7.81 -23.63 37.75
C LYS B 204 -6.98 -22.69 36.84
N ARG B 205 -7.56 -21.55 36.40
CA ARG B 205 -6.90 -20.54 35.55
C ARG B 205 -5.95 -19.66 36.37
N LEU B 206 -5.93 -19.82 37.70
CA LEU B 206 -5.03 -19.03 38.51
C LEU B 206 -3.78 -19.81 38.87
N ASP B 207 -2.70 -19.08 39.13
CA ASP B 207 -1.46 -19.65 39.60
C ASP B 207 -1.16 -18.91 40.87
N PHE B 208 -1.02 -19.61 41.98
CA PHE B 208 -0.72 -18.94 43.24
C PHE B 208 0.65 -18.34 43.20
N GLN B 209 0.77 -17.11 43.65
CA GLN B 209 2.06 -16.46 43.65
C GLN B 209 2.64 -16.44 45.02
N LYS B 210 2.27 -15.47 45.82
CA LYS B 210 2.79 -15.42 47.15
C LYS B 210 1.80 -14.79 48.09
N VAL B 211 1.95 -15.05 49.37
CA VAL B 211 1.11 -14.45 50.36
C VAL B 211 1.79 -13.17 50.65
N THR B 212 1.10 -12.05 50.62
CA THR B 212 1.80 -10.77 50.78
C THR B 212 1.69 -10.24 52.19
N GLU B 213 0.54 -10.45 52.87
CA GLU B 213 0.34 -9.91 54.22
C GLU B 213 -0.68 -10.73 55.03
N VAL B 214 -0.34 -11.03 56.29
CA VAL B 214 -1.21 -11.67 57.27
C VAL B 214 -1.25 -10.75 58.49
N LYS B 215 -2.43 -10.18 58.76
CA LYS B 215 -2.62 -9.24 59.88
C LYS B 215 -3.60 -9.77 60.95
N ALA B 216 -3.25 -9.60 62.23
CA ALA B 216 -4.10 -9.90 63.39
C ALA B 216 -4.36 -8.56 64.06
N GLY B 217 -5.50 -7.96 63.81
CA GLY B 217 -5.79 -6.63 64.30
C GLY B 217 -4.92 -5.64 63.56
N ASP B 218 -4.00 -4.95 64.27
CA ASP B 218 -3.07 -3.99 63.65
C ASP B 218 -1.64 -4.55 63.67
N THR B 219 -1.49 -5.83 64.04
CA THR B 219 -0.22 -6.52 64.14
C THR B 219 0.07 -7.33 62.87
N VAL B 220 1.05 -6.86 62.09
CA VAL B 220 1.50 -7.55 60.89
C VAL B 220 2.40 -8.71 61.33
N LEU B 221 1.97 -9.92 61.02
CA LEU B 221 2.65 -11.14 61.40
C LEU B 221 3.82 -11.47 60.46
N GLY B 222 4.80 -12.20 60.98
CA GLY B 222 5.97 -12.67 60.25
C GLY B 222 5.71 -14.06 59.72
N THR B 223 6.59 -14.59 58.85
CA THR B 223 6.38 -15.92 58.24
C THR B 223 6.56 -17.09 59.23
N SER B 224 6.98 -16.80 60.47
CA SER B 224 7.12 -17.79 61.54
C SER B 224 5.79 -17.95 62.30
N ASP B 225 4.85 -16.97 62.12
CA ASP B 225 3.50 -16.88 62.68
C ASP B 225 2.45 -17.70 61.91
N TYR B 226 2.65 -17.91 60.64
CA TYR B 226 1.70 -18.66 59.86
C TYR B 226 2.38 -19.64 58.96
N THR B 227 1.63 -20.54 58.36
CA THR B 227 2.23 -21.51 57.48
C THR B 227 1.45 -21.51 56.15
N VAL B 228 2.08 -21.95 55.08
CA VAL B 228 1.40 -22.03 53.80
C VAL B 228 1.71 -23.32 53.11
N ASN B 229 0.73 -23.87 52.42
CA ASN B 229 0.92 -25.10 51.66
C ASN B 229 1.40 -24.81 50.25
N ASP B 230 1.27 -25.76 49.34
CA ASP B 230 1.60 -25.51 47.96
C ASP B 230 0.42 -25.89 47.09
N PRO B 231 -0.34 -24.90 46.67
CA PRO B 231 -1.53 -25.15 45.85
C PRO B 231 -1.27 -25.88 44.52
N ALA B 232 -0.03 -25.74 43.96
CA ALA B 232 0.40 -26.37 42.69
C ALA B 232 0.28 -27.92 42.74
N THR B 233 0.31 -28.50 43.95
CA THR B 233 0.23 -29.95 44.21
C THR B 233 -0.93 -30.27 45.18
N ASP B 234 -1.80 -29.26 45.44
CA ASP B 234 -2.95 -29.39 46.36
C ASP B 234 -4.25 -29.02 45.65
N GLY B 235 -4.42 -29.49 44.42
CA GLY B 235 -5.59 -29.22 43.60
C GLY B 235 -6.01 -27.76 43.52
N ASN B 236 -5.00 -26.85 43.49
CA ASN B 236 -5.12 -25.38 43.44
C ASN B 236 -5.85 -24.81 44.66
N LYS B 237 -5.78 -25.48 45.82
CA LYS B 237 -6.42 -24.99 47.05
C LYS B 237 -5.39 -24.34 47.96
N LEU B 238 -5.66 -23.12 48.42
CA LEU B 238 -4.77 -22.40 49.32
C LEU B 238 -5.22 -22.59 50.77
N VAL B 239 -4.26 -22.89 51.65
CA VAL B 239 -4.44 -23.05 53.09
C VAL B 239 -3.34 -22.21 53.79
N VAL B 240 -3.77 -21.24 54.60
CA VAL B 240 -2.92 -20.36 55.39
C VAL B 240 -3.32 -20.57 56.87
N THR B 241 -2.59 -21.48 57.58
CA THR B 241 -2.87 -21.85 58.97
C THR B 241 -1.97 -21.07 59.88
N LEU B 242 -2.50 -20.70 61.05
CA LEU B 242 -1.65 -20.05 62.04
C LEU B 242 -0.89 -21.10 62.83
N THR B 243 0.37 -20.77 63.20
CA THR B 243 1.21 -21.63 64.05
C THR B 243 0.90 -21.26 65.50
N ASP B 244 1.48 -22.00 66.48
CA ASP B 244 1.30 -21.71 67.91
C ASP B 244 1.78 -20.28 68.24
N GLU B 245 2.92 -19.85 67.64
CA GLU B 245 3.49 -18.52 67.82
C GLU B 245 2.52 -17.47 67.29
N GLY B 246 1.92 -17.73 66.13
CA GLY B 246 0.93 -16.84 65.52
C GLY B 246 -0.31 -16.70 66.37
N LEU B 247 -0.83 -17.84 66.86
CA LEU B 247 -2.02 -17.90 67.71
C LEU B 247 -1.88 -16.99 68.96
N LYS B 248 -0.65 -16.90 69.52
CA LYS B 248 -0.29 -16.08 70.69
C LYS B 248 -0.48 -14.57 70.43
N LYS B 249 -0.22 -14.12 69.17
CA LYS B 249 -0.34 -12.73 68.76
C LYS B 249 -1.81 -12.29 68.56
N VAL B 250 -2.74 -13.25 68.50
CA VAL B 250 -4.16 -12.96 68.26
C VAL B 250 -4.87 -12.60 69.60
N LYS B 251 -5.51 -11.43 69.62
CA LYS B 251 -6.26 -10.93 70.78
C LYS B 251 -7.75 -11.15 70.54
N SER B 252 -8.55 -11.17 71.62
CA SER B 252 -10.00 -11.35 71.58
C SER B 252 -10.67 -10.39 70.58
N GLY B 253 -11.46 -10.97 69.67
CA GLY B 253 -12.21 -10.28 68.64
C GLY B 253 -11.39 -9.54 67.59
N ASP B 254 -10.13 -9.96 67.35
CA ASP B 254 -9.19 -9.32 66.40
C ASP B 254 -9.60 -9.55 64.95
N LYS B 255 -9.79 -8.44 64.22
CA LYS B 255 -10.12 -8.47 62.80
C LYS B 255 -8.91 -9.00 62.06
N MET B 256 -8.95 -10.31 61.73
CA MET B 256 -7.92 -11.04 60.98
C MET B 256 -7.92 -10.62 59.48
N SER B 257 -6.76 -10.65 58.83
CA SER B 257 -6.63 -10.27 57.42
C SER B 257 -5.58 -11.09 56.71
N LEU B 258 -5.89 -11.47 55.47
CA LEU B 258 -4.97 -12.18 54.60
C LEU B 258 -5.04 -11.58 53.21
N THR B 259 -3.88 -11.11 52.70
CA THR B 259 -3.75 -10.60 51.33
C THR B 259 -2.74 -11.52 50.64
N PHE B 260 -3.17 -12.12 49.52
CA PHE B 260 -2.29 -12.98 48.74
C PHE B 260 -2.38 -12.60 47.24
N GLU B 261 -1.31 -12.93 46.50
CA GLU B 261 -1.13 -12.61 45.10
C GLU B 261 -1.34 -13.82 44.17
N VAL B 262 -1.95 -13.53 43.01
CA VAL B 262 -2.27 -14.49 41.94
C VAL B 262 -2.03 -13.85 40.55
N LYS B 263 -2.00 -14.71 39.53
CA LYS B 263 -1.89 -14.39 38.11
C LYS B 263 -2.88 -15.26 37.39
N ARG B 264 -3.74 -14.65 36.55
CA ARG B 264 -4.69 -15.38 35.72
C ARG B 264 -3.93 -15.77 34.45
N LYS B 265 -3.71 -17.09 34.28
CA LYS B 265 -2.96 -17.74 33.20
C LYS B 265 -3.51 -17.49 31.84
N GLU B 266 -4.87 -17.43 31.74
CA GLU B 266 -5.61 -17.30 30.49
C GLU B 266 -7.05 -16.86 30.71
N VAL B 267 -7.75 -16.46 29.64
CA VAL B 267 -9.16 -16.11 29.70
C VAL B 267 -9.98 -17.38 29.95
N GLY B 268 -9.71 -18.44 29.20
CA GLY B 268 -10.42 -19.69 29.38
C GLY B 268 -11.80 -19.70 28.75
N ASN B 269 -12.70 -20.56 29.30
CA ASN B 269 -14.03 -20.83 28.76
C ASN B 269 -15.07 -19.73 28.98
N THR B 270 -14.86 -18.86 29.99
CA THR B 270 -15.74 -17.73 30.34
C THR B 270 -14.91 -16.49 30.65
N THR B 271 -15.53 -15.31 30.48
CA THR B 271 -14.85 -14.06 30.81
C THR B 271 -14.70 -13.96 32.34
N GLU B 272 -15.73 -14.41 33.10
CA GLU B 272 -15.79 -14.42 34.56
C GLU B 272 -14.80 -15.42 35.22
N LEU B 273 -14.13 -14.96 36.28
CA LEU B 273 -13.29 -15.74 37.17
C LEU B 273 -13.75 -15.41 38.60
N LYS B 274 -14.47 -16.35 39.24
CA LYS B 274 -15.02 -16.13 40.61
C LYS B 274 -14.07 -16.60 41.73
N ASN B 275 -14.17 -16.00 42.92
CA ASN B 275 -13.41 -16.42 44.10
C ASN B 275 -14.25 -16.28 45.34
N ARG B 276 -14.23 -17.31 46.18
CA ARG B 276 -14.91 -17.41 47.47
C ARG B 276 -13.94 -18.10 48.43
N ALA B 277 -13.85 -17.62 49.68
CA ALA B 277 -12.95 -18.21 50.67
C ALA B 277 -13.68 -18.67 51.97
N ASP B 278 -12.96 -19.40 52.83
CA ASP B 278 -13.42 -19.88 54.12
C ASP B 278 -12.49 -19.47 55.24
N VAL B 279 -13.04 -19.37 56.44
CA VAL B 279 -12.33 -19.10 57.67
C VAL B 279 -12.84 -20.14 58.67
N ILE B 280 -11.90 -20.90 59.22
CA ILE B 280 -12.16 -21.98 60.17
C ILE B 280 -11.38 -21.71 61.45
N PHE B 281 -12.06 -21.66 62.57
CA PHE B 281 -11.36 -21.49 63.82
C PHE B 281 -11.87 -22.51 64.84
N ASN B 282 -11.40 -22.40 66.08
CA ASN B 282 -11.77 -23.22 67.24
C ASN B 282 -12.46 -22.30 68.23
N ASN B 283 -13.73 -22.59 68.50
CA ASN B 283 -14.56 -21.84 69.44
C ASN B 283 -13.86 -21.85 70.82
N PRO B 284 -13.58 -20.68 71.45
CA PRO B 284 -12.97 -20.70 72.78
C PRO B 284 -13.79 -21.52 73.80
N ASN B 285 -15.11 -21.26 73.85
CA ASN B 285 -16.14 -21.84 74.73
C ASN B 285 -16.30 -23.35 74.64
N THR B 286 -16.00 -23.97 73.50
CA THR B 286 -16.29 -25.40 73.32
C THR B 286 -15.13 -26.17 72.66
N ASP B 287 -14.12 -25.45 72.16
CA ASP B 287 -12.92 -25.96 71.45
C ASP B 287 -13.28 -26.60 70.06
N LYS B 288 -14.58 -26.75 69.73
CA LYS B 288 -15.10 -27.27 68.45
C LYS B 288 -14.94 -26.24 67.32
N GLU B 289 -14.67 -26.72 66.11
CA GLU B 289 -14.45 -25.93 64.89
C GLU B 289 -15.64 -25.06 64.46
N VAL B 290 -15.35 -23.80 64.08
CA VAL B 290 -16.32 -22.84 63.57
C VAL B 290 -15.95 -22.46 62.12
N LYS B 291 -16.81 -22.84 61.14
CA LYS B 291 -16.64 -22.56 59.71
C LYS B 291 -17.51 -21.39 59.28
N ASN B 292 -17.05 -20.68 58.23
CA ASN B 292 -17.73 -19.56 57.59
C ASN B 292 -17.23 -19.42 56.17
N LYS B 293 -18.09 -18.91 55.28
CA LYS B 293 -17.76 -18.65 53.90
C LYS B 293 -17.98 -17.18 53.62
N THR B 294 -17.01 -16.55 52.91
CA THR B 294 -17.06 -15.15 52.46
C THR B 294 -18.07 -15.04 51.32
N ASN B 295 -18.28 -13.82 50.86
CA ASN B 295 -19.01 -13.52 49.65
C ASN B 295 -18.15 -14.02 48.45
N GLU B 296 -18.73 -14.02 47.23
CA GLU B 296 -18.08 -14.34 45.97
C GLU B 296 -17.67 -13.06 45.29
N VAL B 297 -16.43 -12.99 44.79
CA VAL B 297 -15.96 -11.84 44.02
C VAL B 297 -15.66 -12.32 42.62
N VAL B 298 -15.78 -11.43 41.60
CA VAL B 298 -15.54 -11.77 40.20
C VAL B 298 -14.54 -10.80 39.54
N THR B 299 -13.60 -11.36 38.74
CA THR B 299 -12.61 -10.68 37.90
C THR B 299 -12.95 -11.06 36.46
N TYR B 300 -12.93 -10.12 35.53
CA TYR B 300 -13.30 -10.35 34.13
C TYR B 300 -12.20 -10.00 33.15
N HIS B 301 -11.86 -10.98 32.29
CA HIS B 301 -10.91 -10.86 31.20
C HIS B 301 -11.51 -11.45 29.95
N GLY B 302 -11.10 -10.93 28.81
CA GLY B 302 -11.52 -11.41 27.50
C GLY B 302 -10.36 -11.37 26.51
N LYS B 303 -10.58 -11.89 25.31
CA LYS B 303 -9.56 -11.93 24.28
C LYS B 303 -9.80 -10.83 23.26
N LEU B 304 -8.71 -10.29 22.71
CA LEU B 304 -8.79 -9.25 21.69
C LEU B 304 -8.25 -9.81 20.40
N LYS B 305 -9.12 -10.00 19.39
CA LYS B 305 -8.70 -10.49 18.08
C LYS B 305 -8.71 -9.33 17.11
N VAL B 306 -7.60 -9.13 16.40
CA VAL B 306 -7.45 -8.07 15.41
C VAL B 306 -7.35 -8.74 14.09
N VAL B 307 -8.13 -8.26 13.11
CA VAL B 307 -8.13 -8.77 11.74
C VAL B 307 -7.76 -7.59 10.84
N LYS B 308 -6.67 -7.75 10.09
CA LYS B 308 -6.18 -6.70 9.20
C LYS B 308 -6.71 -6.93 7.82
N LYS B 309 -7.48 -5.96 7.33
CA LYS B 309 -8.12 -6.07 6.04
C LYS B 309 -7.68 -4.99 5.08
N ASP B 310 -7.83 -5.26 3.77
CA ASP B 310 -7.57 -4.27 2.71
C ASP B 310 -8.85 -3.47 2.57
N GLY B 311 -8.76 -2.19 2.94
CA GLY B 311 -9.85 -1.21 2.95
C GLY B 311 -10.64 -1.05 1.66
N LYS B 312 -9.98 -1.24 0.48
CA LYS B 312 -10.60 -1.09 -0.84
C LYS B 312 -10.71 -2.42 -1.65
N GLU B 313 -9.81 -3.41 -1.45
CA GLU B 313 -9.93 -4.69 -2.15
C GLU B 313 -10.71 -5.63 -1.24
N ALA B 314 -11.97 -5.89 -1.60
CA ALA B 314 -12.99 -6.61 -0.87
C ALA B 314 -12.62 -8.02 -0.42
N GLY B 315 -12.98 -8.34 0.83
CA GLY B 315 -12.78 -9.64 1.48
C GLY B 315 -11.36 -10.19 1.40
N LYS B 316 -10.38 -9.31 1.63
CA LYS B 316 -8.98 -9.66 1.56
C LYS B 316 -8.28 -9.30 2.87
N VAL B 317 -7.60 -10.28 3.45
CA VAL B 317 -6.88 -10.09 4.71
C VAL B 317 -5.41 -9.75 4.46
N LEU B 318 -4.71 -9.26 5.50
CA LEU B 318 -3.33 -8.83 5.37
C LEU B 318 -2.40 -9.32 6.46
N LYS B 319 -1.33 -10.01 6.04
CA LYS B 319 -0.22 -10.46 6.88
C LYS B 319 0.79 -9.31 7.03
N GLY B 320 1.55 -9.31 8.13
CA GLY B 320 2.61 -8.32 8.33
C GLY B 320 2.28 -6.95 8.88
N ALA B 321 1.08 -6.75 9.43
CA ALA B 321 0.74 -5.49 10.07
C ALA B 321 1.12 -5.60 11.54
N GLU B 322 1.93 -4.64 12.03
CA GLU B 322 2.44 -4.58 13.40
C GLU B 322 1.70 -3.58 14.27
N PHE B 323 1.45 -3.98 15.53
CA PHE B 323 0.71 -3.20 16.53
C PHE B 323 1.31 -3.25 17.93
N GLU B 324 1.04 -2.19 18.69
CA GLU B 324 1.33 -2.00 20.11
C GLU B 324 -0.01 -1.77 20.81
N LEU B 325 -0.09 -2.05 22.12
CA LEU B 325 -1.32 -1.85 22.87
C LEU B 325 -1.14 -0.82 23.98
N TYR B 326 -2.11 0.12 24.10
CA TYR B 326 -2.10 1.19 25.10
C TYR B 326 -3.42 1.29 25.88
N GLN B 327 -3.35 1.86 27.08
CA GLN B 327 -4.50 2.27 27.87
C GLN B 327 -4.81 3.64 27.37
N CYS B 328 -6.09 3.99 27.22
CA CYS B 328 -6.41 5.31 26.70
C CYS B 328 -7.84 5.73 27.10
N THR B 329 -8.11 7.06 27.09
CA THR B 329 -9.44 7.62 27.33
C THR B 329 -10.11 7.83 25.97
N SER B 330 -9.29 8.03 24.92
CA SER B 330 -9.69 8.18 23.51
C SER B 330 -8.45 7.95 22.62
N ALA B 331 -8.66 7.77 21.31
CA ALA B 331 -7.60 7.54 20.33
C ALA B 331 -6.59 8.70 20.26
N ALA B 332 -7.04 9.93 20.55
CA ALA B 332 -6.20 11.13 20.55
C ALA B 332 -5.36 11.29 21.85
N VAL B 333 -5.72 10.53 22.90
CA VAL B 333 -5.08 10.64 24.21
C VAL B 333 -4.71 9.25 24.72
N LEU B 334 -3.46 8.85 24.46
CA LEU B 334 -2.90 7.57 24.89
C LEU B 334 -2.34 7.70 26.27
N GLY B 335 -2.63 6.71 27.11
CA GLY B 335 -2.15 6.66 28.48
C GLY B 335 -1.01 5.67 28.60
N LYS B 336 -1.08 4.78 29.56
CA LYS B 336 -0.04 3.78 29.81
C LYS B 336 0.21 2.91 28.57
N GLY B 337 1.48 2.58 28.34
CA GLY B 337 1.90 1.74 27.22
C GLY B 337 3.16 2.16 26.47
N PRO B 338 3.66 1.34 25.52
CA PRO B 338 3.14 0.03 25.06
C PRO B 338 3.08 -0.98 26.20
N LEU B 339 1.93 -1.65 26.32
CA LEU B 339 1.70 -2.60 27.40
C LEU B 339 2.31 -3.95 27.08
N THR B 340 2.77 -4.66 28.13
CA THR B 340 3.31 -6.01 28.00
C THR B 340 2.26 -6.97 28.56
N VAL B 341 1.70 -7.80 27.67
CA VAL B 341 0.70 -8.79 28.01
C VAL B 341 1.33 -10.15 27.75
N ASP B 342 1.53 -10.92 28.82
CA ASP B 342 2.09 -12.28 28.80
C ASP B 342 3.42 -12.32 27.99
N GLY B 343 4.37 -11.46 28.40
CA GLY B 343 5.71 -11.31 27.83
C GLY B 343 5.83 -10.86 26.39
N VAL B 344 4.78 -10.21 25.84
CA VAL B 344 4.74 -9.69 24.46
C VAL B 344 4.32 -8.22 24.52
N LYS B 345 5.02 -7.33 23.78
CA LYS B 345 4.62 -5.91 23.74
C LYS B 345 4.45 -5.41 22.27
N LYS B 346 4.47 -6.35 21.32
CA LYS B 346 4.27 -6.09 19.89
C LYS B 346 3.71 -7.35 19.25
N TRP B 347 2.62 -7.18 18.47
CA TRP B 347 1.92 -8.27 17.79
C TRP B 347 1.86 -7.99 16.29
N THR B 348 1.99 -9.04 15.44
CA THR B 348 1.96 -8.93 13.98
C THR B 348 0.92 -9.86 13.41
N THR B 349 0.17 -9.43 12.38
CA THR B 349 -0.87 -10.27 11.79
C THR B 349 -0.25 -11.46 11.05
N GLY B 350 -0.87 -12.63 11.24
CA GLY B 350 -0.40 -13.88 10.65
C GLY B 350 -0.86 -14.12 9.24
N ASP B 351 -0.72 -15.39 8.77
CA ASP B 351 -1.09 -15.86 7.44
C ASP B 351 -2.62 -15.75 7.21
N ASP B 352 -3.40 -15.62 8.29
CA ASP B 352 -4.87 -15.48 8.20
C ASP B 352 -5.31 -14.01 8.31
N GLY B 353 -4.32 -13.11 8.41
CA GLY B 353 -4.53 -11.68 8.58
C GLY B 353 -4.92 -11.28 9.99
N THR B 354 -4.62 -12.15 10.98
CA THR B 354 -5.03 -11.88 12.36
C THR B 354 -4.00 -12.21 13.41
N PHE B 355 -4.28 -11.74 14.61
CA PHE B 355 -3.61 -12.09 15.85
C PHE B 355 -4.63 -11.95 16.96
N THR B 356 -4.37 -12.58 18.11
CA THR B 356 -5.25 -12.56 19.26
C THR B 356 -4.43 -12.34 20.51
N ILE B 357 -4.77 -11.31 21.30
CA ILE B 357 -4.13 -11.09 22.59
C ILE B 357 -4.98 -11.84 23.64
N ASP B 358 -4.41 -12.89 24.27
CA ASP B 358 -5.04 -13.64 25.37
C ASP B 358 -4.30 -13.24 26.67
N GLY B 359 -4.79 -12.25 27.42
CA GLY B 359 -6.04 -11.52 27.28
C GLY B 359 -6.00 -10.24 28.08
N LEU B 360 -7.10 -9.48 28.06
CA LEU B 360 -7.14 -8.17 28.74
C LEU B 360 -8.25 -8.05 29.76
N HIS B 361 -8.05 -7.14 30.73
CA HIS B 361 -9.00 -6.81 31.79
C HIS B 361 -10.16 -5.99 31.18
N VAL B 362 -11.43 -6.31 31.50
CA VAL B 362 -12.57 -5.55 30.96
C VAL B 362 -12.53 -4.14 31.52
N THR B 363 -13.02 -3.19 30.73
CA THR B 363 -12.99 -1.77 31.07
C THR B 363 -14.20 -1.30 31.89
N ASP B 364 -15.23 -2.15 32.10
CA ASP B 364 -16.46 -1.73 32.79
C ASP B 364 -16.70 -2.40 34.16
N PHE B 365 -15.77 -3.23 34.65
CA PHE B 365 -15.91 -3.91 35.92
C PHE B 365 -14.52 -4.17 36.47
N GLU B 366 -14.21 -3.63 37.67
CA GLU B 366 -12.91 -3.80 38.31
C GLU B 366 -13.00 -3.69 39.83
N ASP B 367 -12.00 -4.29 40.53
CA ASP B 367 -11.94 -4.30 42.00
C ASP B 367 -13.29 -4.78 42.59
N GLY B 368 -13.84 -5.82 41.94
CA GLY B 368 -15.07 -6.51 42.31
C GLY B 368 -16.37 -5.76 42.12
N LYS B 369 -16.36 -4.62 41.36
CA LYS B 369 -17.58 -3.82 41.16
C LYS B 369 -17.60 -3.09 39.80
N GLU B 370 -18.81 -2.62 39.36
CA GLU B 370 -19.02 -1.87 38.12
C GLU B 370 -18.10 -0.65 38.06
N ALA B 371 -17.42 -0.42 36.90
CA ALA B 371 -16.54 0.72 36.73
C ALA B 371 -17.34 1.99 36.64
N ALA B 372 -16.87 3.02 37.37
CA ALA B 372 -17.51 4.32 37.46
C ALA B 372 -16.49 5.46 37.29
N PRO B 373 -16.52 6.14 36.10
CA PRO B 373 -17.34 5.86 34.92
C PRO B 373 -16.63 4.88 33.97
N ALA B 374 -17.35 4.28 32.99
CA ALA B 374 -16.70 3.37 32.05
C ALA B 374 -15.92 4.18 30.94
N THR B 375 -15.04 5.10 31.38
CA THR B 375 -14.20 5.99 30.56
C THR B 375 -12.88 5.34 30.05
N LYS B 376 -12.45 4.23 30.67
CA LYS B 376 -11.25 3.50 30.28
C LYS B 376 -11.47 2.78 28.97
N LYS B 377 -10.46 2.80 28.12
CA LYS B 377 -10.48 2.12 26.83
C LYS B 377 -9.11 1.54 26.54
N PHE B 378 -9.04 0.70 25.50
CA PHE B 378 -7.78 0.19 25.01
C PHE B 378 -7.58 0.83 23.67
N CYS B 379 -6.32 1.00 23.29
CA CYS B 379 -5.98 1.61 22.03
C CYS B 379 -4.97 0.75 21.32
N LEU B 380 -5.23 0.43 20.06
CA LEU B 380 -4.28 -0.31 19.21
C LEU B 380 -3.55 0.69 18.34
N LYS B 381 -2.24 0.71 18.43
CA LYS B 381 -1.41 1.60 17.62
C LYS B 381 -0.73 0.77 16.53
N GLU B 382 -1.01 1.09 15.25
CA GLU B 382 -0.37 0.42 14.13
C GLU B 382 1.01 1.02 13.94
N THR B 383 2.07 0.21 14.16
CA THR B 383 3.44 0.74 14.08
C THR B 383 4.06 0.50 12.70
N LYS B 384 3.55 -0.47 11.95
CA LYS B 384 4.04 -0.82 10.61
C LYS B 384 2.91 -1.47 9.77
N ALA B 385 2.71 -0.95 8.54
CA ALA B 385 1.72 -1.46 7.60
C ALA B 385 2.36 -2.52 6.74
N PRO B 386 1.60 -3.50 6.17
CA PRO B 386 2.25 -4.50 5.27
C PRO B 386 2.91 -3.82 4.05
N ALA B 387 3.84 -4.51 3.37
CA ALA B 387 4.54 -3.96 2.19
C ALA B 387 3.57 -3.48 1.10
N GLY B 388 3.77 -2.26 0.64
CA GLY B 388 2.95 -1.68 -0.42
C GLY B 388 1.68 -1.01 0.05
N TYR B 389 1.53 -0.87 1.39
CA TYR B 389 0.38 -0.25 2.02
C TYR B 389 0.80 0.98 2.75
N ALA B 390 -0.02 2.02 2.73
CA ALA B 390 0.29 3.23 3.48
C ALA B 390 -0.06 3.03 4.94
N LEU B 391 0.65 3.72 5.86
CA LEU B 391 0.32 3.66 7.26
C LEU B 391 -0.95 4.48 7.44
N PRO B 392 -2.07 3.88 7.93
CA PRO B 392 -3.31 4.65 8.06
C PRO B 392 -3.16 5.91 8.93
N ASP B 393 -3.99 6.92 8.64
CA ASP B 393 -4.05 8.14 9.45
C ASP B 393 -5.54 8.36 9.84
N PRO B 394 -5.89 8.21 11.15
CA PRO B 394 -4.98 7.93 12.30
C PRO B 394 -4.55 6.46 12.35
N ASN B 395 -3.41 6.19 12.99
CA ASN B 395 -2.93 4.83 13.14
C ASN B 395 -3.34 4.24 14.52
N VAL B 396 -4.28 4.92 15.22
CA VAL B 396 -4.78 4.49 16.53
C VAL B 396 -6.28 4.11 16.42
N THR B 397 -6.63 2.96 16.98
CA THR B 397 -7.98 2.41 17.01
C THR B 397 -8.39 2.21 18.46
N GLU B 398 -9.37 2.99 18.94
CA GLU B 398 -9.83 2.85 20.32
C GLU B 398 -10.87 1.71 20.40
N ILE B 399 -10.74 0.90 21.45
CA ILE B 399 -11.57 -0.30 21.70
C ILE B 399 -12.39 -0.15 22.97
N GLU B 400 -13.70 -0.41 22.87
CA GLU B 400 -14.59 -0.39 24.03
C GLU B 400 -14.63 -1.83 24.49
N PHE B 401 -13.68 -2.21 25.36
CA PHE B 401 -13.51 -3.58 25.81
C PHE B 401 -14.30 -3.83 27.09
N THR B 402 -15.63 -3.88 26.95
CA THR B 402 -16.59 -4.08 28.03
C THR B 402 -17.12 -5.48 27.95
N ARG B 403 -17.60 -6.01 29.10
CA ARG B 403 -18.19 -7.35 29.21
C ARG B 403 -19.26 -7.57 28.16
N ALA B 404 -20.18 -6.56 28.01
CA ALA B 404 -21.29 -6.54 27.06
C ALA B 404 -20.83 -6.61 25.62
N LYS B 405 -19.86 -5.75 25.21
CA LYS B 405 -19.32 -5.74 23.86
C LYS B 405 -18.55 -7.04 23.51
N ILE B 406 -17.88 -7.67 24.51
CA ILE B 406 -17.17 -8.94 24.31
C ILE B 406 -18.20 -10.06 24.04
N SER B 407 -19.33 -10.00 24.78
CA SER B 407 -20.42 -10.97 24.79
C SER B 407 -21.23 -11.02 23.50
N GLU B 408 -21.21 -9.96 22.67
CA GLU B 408 -21.97 -9.90 21.42
C GLU B 408 -21.64 -11.02 20.44
N LYS B 409 -22.60 -11.26 19.53
CA LYS B 409 -22.57 -12.27 18.47
C LYS B 409 -22.72 -11.58 17.09
N ASP B 410 -22.79 -12.38 15.99
CA ASP B 410 -22.95 -11.95 14.58
C ASP B 410 -21.85 -10.97 14.14
N GLU B 413 -19.28 -10.83 12.23
CA GLU B 413 -17.89 -11.27 12.22
C GLU B 413 -17.75 -12.77 12.62
N GLY B 414 -18.84 -13.37 13.13
CA GLY B 414 -18.90 -14.77 13.57
C GLY B 414 -18.06 -15.07 14.80
N ASP B 415 -17.89 -14.05 15.65
CA ASP B 415 -17.08 -13.97 16.87
C ASP B 415 -17.55 -14.91 18.02
N ASP B 416 -16.89 -14.74 19.18
CA ASP B 416 -17.07 -15.45 20.46
C ASP B 416 -17.65 -14.53 21.55
N GLU B 417 -18.16 -15.14 22.65
CA GLU B 417 -18.69 -14.46 23.86
C GLU B 417 -17.54 -14.25 24.90
N VAL B 418 -16.32 -14.59 24.46
CA VAL B 418 -15.05 -14.62 25.15
C VAL B 418 -14.05 -13.67 24.44
N THR B 419 -14.26 -13.46 23.13
CA THR B 419 -13.42 -12.67 22.23
C THR B 419 -14.13 -11.48 21.62
N LEU B 420 -13.46 -10.30 21.62
CA LEU B 420 -13.88 -9.09 20.94
C LEU B 420 -12.96 -8.94 19.70
N VAL B 421 -13.57 -8.86 18.50
CA VAL B 421 -12.85 -8.78 17.23
C VAL B 421 -12.85 -7.33 16.71
N SER B 422 -11.64 -6.82 16.40
CA SER B 422 -11.42 -5.47 15.86
C SER B 422 -10.90 -5.54 14.42
N GLU B 423 -11.67 -4.98 13.45
CA GLU B 423 -11.32 -4.92 12.01
C GLU B 423 -10.55 -3.62 11.73
N ILE B 424 -9.33 -3.72 11.23
CA ILE B 424 -8.50 -2.52 10.93
C ILE B 424 -8.14 -2.55 9.43
N LYS B 425 -8.30 -1.41 8.76
CA LYS B 425 -8.14 -1.34 7.32
C LYS B 425 -6.87 -0.65 6.89
N ASN B 426 -6.28 -1.18 5.82
CA ASN B 426 -5.11 -0.63 5.15
C ASN B 426 -5.42 -0.45 3.67
N ILE B 427 -4.88 0.62 3.06
CA ILE B 427 -5.07 0.97 1.65
C ILE B 427 -3.72 0.95 0.97
N LYS B 428 -3.67 0.37 -0.26
CA LYS B 428 -2.45 0.25 -1.08
C LYS B 428 -1.87 1.63 -1.35
N GLN B 429 -0.52 1.76 -1.30
CA GLN B 429 0.19 3.03 -1.50
C GLN B 429 0.01 3.55 -2.93
#